data_7R1E
#
_entry.id   7R1E
#
_cell.length_a   167.499
_cell.length_b   157.992
_cell.length_c   57.428
_cell.angle_alpha   90.000
_cell.angle_beta   90.000
_cell.angle_gamma   90.000
#
_symmetry.space_group_name_H-M   'P 21 21 2'
#
loop_
_entity.id
_entity.type
_entity.pdbx_description
1 polymer 'Pesticidal crystal protein Cry11Ba'
2 non-polymer GLYCEROL
3 water water
#
_entity_poly.entity_id   1
_entity_poly.type   'polypeptide(L)'
_entity_poly.pdbx_seq_one_letter_code
;MQNNNFNTTEINNMINFPMYNGRLEPSLAPALIAVAPIAKYLATALAKWAVKQGFAKLKSEIFPGNTPATMDKVRIEVQT
LLDQRLQDDRVKILEGEYKGIIDVSKVFTDYVNQSKFETGTANRLFFDTSNQLISRLPQFEIAGYEGVSISLFTQMCTFH
LGLLKDGILAGSDWGFAPADKDALICQFNRFVNEYNTRLMVLYSKEFGRLLAKNLNEALNFRNMCSLYVFPFSEAWSLLR
YEGTKLENTLSLWNFVGESINNISPNDWKGALYKLLMGAPNQRLNNVKFNYSYFSDTQATIHRENIHGVLPTYNGGPTIT
GWIGNGRFSGLSFPCSNELEITKIKQEITYNDKGGNFNSIVPAATRNEILTATVPTSADPFFKTADINWKYFSPGLYSGW
NIKFDDTVTLKSRVPSIIPSNILKYDDYYIRAVSACPKGVSLAYNHDFLTLTYNKLEYDAPTTQNIIVGFSPDNTKSFYR
SNSHYLSTTDDAYVIPALQFSTVSDRSFLEDTPDQATDGSIKFTDTVLGNEAKYSIRLNTGFNTATRYRLIIRFKAPARL
AAGIRVRSQNSGNNKLLGGIPVEGNSGWIDYITDSFTFDDLGITTSSTNAFFSIDSDGVNASQQWYLSKLILVKESSFTT
QIPLKPYVIVRCPDTFFVSNNSSSTYEQGYNNNYNQNSSSMYDQGYNNSYNPNSGCTCNQDYNNSYNQNSGCTCNQGYNN
NYPK
;
_entity_poly.pdbx_strand_id   A,B
#
loop_
_chem_comp.id
_chem_comp.type
_chem_comp.name
_chem_comp.formula
GOL non-polymer GLYCEROL 'C3 H8 O3'
#
# COMPACT_ATOMS: atom_id res chain seq x y z
N ASN A 12 28.41 -1.61 -36.51
CA ASN A 12 29.55 -1.37 -37.39
C ASN A 12 29.42 -2.14 -38.69
N ASN A 13 28.20 -2.59 -38.99
CA ASN A 13 27.96 -3.33 -40.21
C ASN A 13 28.01 -2.41 -41.42
N MET A 14 28.64 -2.89 -42.50
CA MET A 14 28.80 -2.13 -43.72
C MET A 14 27.55 -2.13 -44.60
N ILE A 15 26.39 -2.46 -44.05
CA ILE A 15 25.14 -2.54 -44.79
C ILE A 15 24.27 -1.36 -44.38
N ASN A 16 23.90 -0.54 -45.35
CA ASN A 16 23.12 0.67 -45.10
C ASN A 16 21.68 0.40 -45.56
N PHE A 17 20.88 -0.17 -44.67
CA PHE A 17 19.51 -0.54 -44.94
C PHE A 17 18.58 0.06 -43.90
N PRO A 18 17.34 0.38 -44.26
CA PRO A 18 16.34 0.77 -43.27
C PRO A 18 15.90 -0.44 -42.45
N MET A 19 16.43 -0.57 -41.23
CA MET A 19 16.19 -1.77 -40.45
C MET A 19 14.79 -1.77 -39.85
N TYR A 20 14.30 -2.98 -39.58
CA TYR A 20 13.02 -3.21 -38.92
C TYR A 20 13.27 -4.16 -37.76
N ASN A 21 13.36 -3.60 -36.54
CA ASN A 21 13.71 -4.37 -35.34
C ASN A 21 15.04 -5.09 -35.53
N GLY A 22 16.02 -4.39 -36.09
CA GLY A 22 17.34 -4.93 -36.31
C GLY A 22 17.49 -5.77 -37.56
N ARG A 23 16.40 -6.14 -38.22
CA ARG A 23 16.44 -6.96 -39.42
C ARG A 23 16.29 -6.09 -40.66
N LEU A 24 16.75 -6.62 -41.80
CA LEU A 24 16.69 -5.88 -43.05
C LEU A 24 15.29 -5.91 -43.66
N GLU A 25 14.53 -6.97 -43.43
CA GLU A 25 13.18 -7.05 -43.95
C GLU A 25 12.17 -6.90 -42.81
N PRO A 26 11.02 -6.27 -43.07
CA PRO A 26 9.99 -6.17 -42.04
C PRO A 26 9.41 -7.54 -41.72
N SER A 27 9.17 -7.78 -40.43
CA SER A 27 8.69 -9.08 -39.97
C SER A 27 7.20 -9.24 -40.26
N LEU A 28 6.77 -10.49 -40.24
CA LEU A 28 5.37 -10.83 -40.54
C LEU A 28 4.46 -10.34 -39.43
N ALA A 29 3.29 -9.81 -39.83
CA ALA A 29 2.33 -9.30 -38.87
C ALA A 29 1.87 -10.41 -37.92
N PRO A 30 1.61 -10.09 -36.65
CA PRO A 30 1.22 -11.13 -35.70
C PRO A 30 -0.09 -11.82 -36.05
N ALA A 31 -1.03 -11.11 -36.67
CA ALA A 31 -2.31 -11.70 -37.04
C ALA A 31 -2.27 -12.46 -38.36
N LEU A 32 -1.14 -12.45 -39.06
CA LEU A 32 -1.01 -13.13 -40.34
C LEU A 32 -0.06 -14.32 -40.27
N ILE A 33 0.37 -14.72 -39.08
CA ILE A 33 1.24 -15.87 -38.96
C ILE A 33 0.47 -17.16 -39.29
N ALA A 34 1.22 -18.23 -39.52
CA ALA A 34 0.62 -19.45 -40.04
C ALA A 34 -0.29 -20.13 -39.03
N VAL A 35 -0.02 -19.96 -37.73
CA VAL A 35 -0.84 -20.60 -36.70
C VAL A 35 -2.08 -19.79 -36.35
N ALA A 36 -2.26 -18.60 -36.95
CA ALA A 36 -3.40 -17.77 -36.61
C ALA A 36 -4.74 -18.43 -36.89
N PRO A 37 -4.97 -19.08 -38.05
CA PRO A 37 -6.26 -19.78 -38.23
C PRO A 37 -6.49 -20.88 -37.23
N ILE A 38 -5.43 -21.55 -36.77
CA ILE A 38 -5.59 -22.57 -35.73
C ILE A 38 -6.03 -21.94 -34.42
N ALA A 39 -5.44 -20.79 -34.07
CA ALA A 39 -5.80 -20.11 -32.83
C ALA A 39 -7.19 -19.51 -32.91
N LYS A 40 -7.60 -19.01 -34.08
CA LYS A 40 -8.94 -18.45 -34.22
C LYS A 40 -10.01 -19.53 -34.18
N TYR A 41 -9.68 -20.74 -34.62
CA TYR A 41 -10.65 -21.84 -34.51
C TYR A 41 -10.77 -22.33 -33.08
N LEU A 42 -9.64 -22.48 -32.38
CA LEU A 42 -9.67 -22.92 -31.00
C LEU A 42 -10.48 -21.99 -30.13
N ALA A 43 -10.38 -20.68 -30.38
CA ALA A 43 -11.21 -19.72 -29.66
C ALA A 43 -12.69 -19.95 -29.94
N THR A 44 -13.03 -20.39 -31.15
CA THR A 44 -14.42 -20.71 -31.46
C THR A 44 -14.85 -22.02 -30.80
N ALA A 45 -13.95 -23.01 -30.78
CA ALA A 45 -14.29 -24.29 -30.17
C ALA A 45 -14.47 -24.17 -28.66
N LEU A 46 -13.70 -23.29 -28.02
CA LEU A 46 -13.83 -23.12 -26.57
C LEU A 46 -15.12 -22.39 -26.21
N ALA A 47 -15.62 -21.52 -27.09
CA ALA A 47 -16.89 -20.87 -26.84
C ALA A 47 -18.05 -21.84 -27.06
N LYS A 48 -17.96 -22.69 -28.08
CA LYS A 48 -18.98 -23.69 -28.33
C LYS A 48 -18.32 -24.85 -29.08
N TRP A 49 -18.17 -25.98 -28.41
CA TRP A 49 -17.50 -27.13 -29.01
C TRP A 49 -18.46 -27.91 -29.90
N ALA A 50 -18.01 -28.26 -31.10
CA ALA A 50 -18.80 -29.05 -32.03
C ALA A 50 -18.62 -30.52 -31.70
N VAL A 51 -19.68 -31.14 -31.15
CA VAL A 51 -19.59 -32.53 -30.73
C VAL A 51 -19.37 -33.42 -31.94
N LYS A 52 -18.40 -34.34 -31.84
CA LYS A 52 -18.09 -35.30 -32.88
C LYS A 52 -17.56 -34.64 -34.14
N GLN A 53 -17.39 -33.32 -34.11
CA GLN A 53 -16.80 -32.59 -35.21
C GLN A 53 -15.62 -31.71 -34.80
N GLY A 54 -15.34 -31.56 -33.50
CA GLY A 54 -14.27 -30.68 -33.09
C GLY A 54 -12.91 -31.12 -33.59
N PHE A 55 -12.66 -32.43 -33.59
CA PHE A 55 -11.38 -32.93 -34.12
C PHE A 55 -11.33 -32.86 -35.64
N ALA A 56 -12.48 -33.04 -36.30
CA ALA A 56 -12.50 -32.97 -37.76
C ALA A 56 -12.18 -31.57 -38.25
N LYS A 57 -12.68 -30.54 -37.56
CA LYS A 57 -12.38 -29.17 -37.96
C LYS A 57 -11.00 -28.74 -37.50
N LEU A 58 -10.51 -29.26 -36.38
CA LEU A 58 -9.15 -28.97 -35.93
C LEU A 58 -8.14 -29.62 -36.85
N LYS A 59 -8.43 -30.83 -37.34
CA LYS A 59 -7.54 -31.49 -38.28
C LYS A 59 -7.47 -30.74 -39.61
N SER A 60 -8.58 -30.14 -40.05
CA SER A 60 -8.58 -29.39 -41.30
C SER A 60 -7.83 -28.06 -41.19
N GLU A 61 -7.47 -27.63 -40.00
CA GLU A 61 -6.67 -26.43 -39.82
C GLU A 61 -5.19 -26.73 -39.57
N ILE A 62 -4.87 -27.81 -38.88
CA ILE A 62 -3.48 -28.19 -38.67
C ILE A 62 -2.93 -28.88 -39.92
N PHE A 63 -3.72 -29.76 -40.54
CA PHE A 63 -3.38 -30.43 -41.79
C PHE A 63 -4.46 -30.12 -42.81
N PRO A 64 -4.44 -28.93 -43.43
CA PRO A 64 -5.45 -28.60 -44.43
C PRO A 64 -5.28 -29.46 -45.68
N GLY A 65 -6.39 -30.04 -46.14
CA GLY A 65 -6.35 -30.88 -47.32
C GLY A 65 -5.48 -32.11 -47.18
N ASN A 66 -5.29 -32.60 -45.95
CA ASN A 66 -4.45 -33.77 -45.68
C ASN A 66 -3.02 -33.55 -46.17
N THR A 67 -2.52 -32.34 -45.99
CA THR A 67 -1.18 -31.95 -46.41
C THR A 67 -0.39 -31.41 -45.21
N PRO A 68 0.94 -31.48 -45.27
CA PRO A 68 1.74 -30.84 -44.22
C PRO A 68 2.07 -29.39 -44.56
N ALA A 69 1.21 -28.76 -45.35
CA ALA A 69 1.51 -27.41 -45.85
C ALA A 69 1.56 -26.40 -44.72
N THR A 70 0.61 -26.45 -43.79
CA THR A 70 0.63 -25.51 -42.67
C THR A 70 1.85 -25.74 -41.80
N MET A 71 2.13 -26.99 -41.44
CA MET A 71 3.29 -27.30 -40.62
C MET A 71 4.59 -26.93 -41.32
N ASP A 72 4.61 -26.94 -42.65
CA ASP A 72 5.78 -26.45 -43.37
C ASP A 72 5.86 -24.94 -43.32
N LYS A 73 4.72 -24.26 -43.42
CA LYS A 73 4.71 -22.80 -43.31
C LYS A 73 5.09 -22.35 -41.90
N VAL A 74 4.60 -23.07 -40.88
CA VAL A 74 4.95 -22.74 -39.50
C VAL A 74 6.45 -22.92 -39.28
N ARG A 75 7.04 -23.94 -39.91
CA ARG A 75 8.46 -24.20 -39.72
C ARG A 75 9.32 -23.11 -40.35
N ILE A 76 9.01 -22.74 -41.60
CA ILE A 76 9.84 -21.75 -42.29
C ILE A 76 9.66 -20.37 -41.68
N GLU A 77 8.50 -20.09 -41.08
CA GLU A 77 8.30 -18.81 -40.41
C GLU A 77 9.12 -18.72 -39.13
N VAL A 78 9.05 -19.76 -38.29
CA VAL A 78 9.80 -19.76 -37.04
C VAL A 78 11.31 -19.81 -37.33
N GLN A 79 11.71 -20.55 -38.35
CA GLN A 79 13.13 -20.59 -38.70
C GLN A 79 13.63 -19.24 -39.18
N THR A 80 12.79 -18.52 -39.92
CA THR A 80 13.18 -17.18 -40.37
C THR A 80 13.24 -16.20 -39.21
N LEU A 81 12.25 -16.26 -38.31
CA LEU A 81 12.18 -15.32 -37.19
C LEU A 81 13.30 -15.59 -36.19
N LEU A 82 13.65 -16.87 -35.98
CA LEU A 82 14.64 -17.24 -34.98
C LEU A 82 16.06 -17.33 -35.53
N ASP A 83 16.23 -17.35 -36.85
CA ASP A 83 17.54 -17.53 -37.49
C ASP A 83 18.18 -18.85 -37.04
N GLN A 84 17.35 -19.87 -36.87
CA GLN A 84 17.80 -21.23 -36.60
C GLN A 84 17.22 -22.16 -37.66
N ARG A 85 18.02 -23.13 -38.10
CA ARG A 85 17.66 -24.00 -39.21
C ARG A 85 17.73 -25.46 -38.79
N LEU A 86 16.63 -26.18 -38.99
CA LEU A 86 16.61 -27.61 -38.75
C LEU A 86 17.45 -28.33 -39.79
N GLN A 87 18.06 -29.44 -39.36
CA GLN A 87 18.86 -30.24 -40.27
C GLN A 87 17.98 -30.82 -41.37
N ASP A 88 18.56 -30.94 -42.57
CA ASP A 88 17.81 -31.47 -43.70
C ASP A 88 17.29 -32.87 -43.43
N ASP A 89 18.12 -33.72 -42.81
CA ASP A 89 17.67 -35.07 -42.45
C ASP A 89 16.49 -35.02 -41.49
N ARG A 90 16.56 -34.14 -40.49
CA ARG A 90 15.49 -34.05 -39.50
C ARG A 90 14.21 -33.48 -40.10
N VAL A 91 14.30 -32.73 -41.20
CA VAL A 91 13.10 -32.23 -41.86
C VAL A 91 12.36 -33.36 -42.56
N LYS A 92 13.08 -34.19 -43.31
CA LYS A 92 12.46 -35.33 -43.97
C LYS A 92 11.90 -36.32 -42.96
N ILE A 93 12.52 -36.43 -41.79
CA ILE A 93 11.98 -37.29 -40.74
C ILE A 93 10.61 -36.79 -40.30
N LEU A 94 10.52 -35.50 -39.96
CA LEU A 94 9.23 -34.91 -39.59
C LEU A 94 8.24 -34.98 -40.75
N GLU A 95 8.74 -34.94 -41.99
CA GLU A 95 7.86 -35.11 -43.14
C GLU A 95 7.18 -36.48 -43.12
N GLY A 96 7.94 -37.53 -42.83
CA GLY A 96 7.35 -38.85 -42.73
C GLY A 96 6.41 -38.98 -41.54
N GLU A 97 6.79 -38.39 -40.40
CA GLU A 97 5.92 -38.43 -39.23
C GLU A 97 4.61 -37.70 -39.49
N TYR A 98 4.66 -36.62 -40.25
CA TYR A 98 3.43 -35.93 -40.65
C TYR A 98 2.57 -36.84 -41.52
N LYS A 99 3.18 -37.50 -42.50
CA LYS A 99 2.43 -38.39 -43.38
C LYS A 99 1.74 -39.50 -42.57
N GLY A 100 2.43 -40.05 -41.58
CA GLY A 100 1.82 -41.07 -40.74
C GLY A 100 0.64 -40.54 -39.96
N ILE A 101 0.76 -39.33 -39.42
CA ILE A 101 -0.34 -38.73 -38.67
C ILE A 101 -1.49 -38.36 -39.61
N ILE A 102 -1.16 -37.90 -40.81
CA ILE A 102 -2.20 -37.54 -41.78
C ILE A 102 -2.94 -38.78 -42.27
N ASP A 103 -2.21 -39.86 -42.54
CA ASP A 103 -2.83 -41.08 -43.05
C ASP A 103 -3.83 -41.65 -42.05
N VAL A 104 -3.39 -41.85 -40.80
CA VAL A 104 -4.24 -42.52 -39.83
C VAL A 104 -5.44 -41.64 -39.46
N SER A 105 -5.22 -40.33 -39.31
CA SER A 105 -6.32 -39.44 -38.95
C SER A 105 -7.33 -39.30 -40.07
N LYS A 106 -6.89 -39.44 -41.32
CA LYS A 106 -7.83 -39.37 -42.45
C LYS A 106 -8.71 -40.61 -42.49
N VAL A 107 -8.15 -41.78 -42.16
CA VAL A 107 -8.94 -43.01 -42.17
C VAL A 107 -10.02 -42.95 -41.11
N PHE A 108 -9.68 -42.47 -39.90
CA PHE A 108 -10.67 -42.37 -38.84
C PHE A 108 -11.72 -41.31 -39.15
N THR A 109 -11.30 -40.20 -39.76
CA THR A 109 -12.24 -39.12 -40.06
C THR A 109 -13.22 -39.51 -41.15
N ASP A 110 -12.73 -40.15 -42.22
CA ASP A 110 -13.60 -40.52 -43.32
C ASP A 110 -14.63 -41.58 -42.91
N TYR A 111 -14.26 -42.47 -41.99
CA TYR A 111 -15.18 -43.54 -41.61
C TYR A 111 -16.32 -43.01 -40.74
N VAL A 112 -16.03 -42.04 -39.88
CA VAL A 112 -17.08 -41.49 -39.03
C VAL A 112 -17.99 -40.53 -39.80
N ASN A 113 -17.45 -39.85 -40.81
CA ASN A 113 -18.20 -38.86 -41.58
C ASN A 113 -19.09 -39.48 -42.66
N GLN A 114 -19.42 -40.76 -42.58
CA GLN A 114 -20.32 -41.38 -43.53
C GLN A 114 -21.73 -41.44 -42.95
N SER A 115 -22.66 -41.97 -43.75
CA SER A 115 -24.07 -41.96 -43.34
C SER A 115 -24.29 -42.82 -42.10
N LYS A 116 -23.85 -44.07 -42.14
CA LYS A 116 -23.95 -44.96 -41.00
C LYS A 116 -22.72 -45.85 -40.96
N PHE A 117 -22.19 -46.05 -39.75
CA PHE A 117 -20.94 -46.79 -39.57
C PHE A 117 -21.04 -47.66 -38.33
N GLU A 118 -20.32 -48.77 -38.35
CA GLU A 118 -20.29 -49.68 -37.20
C GLU A 118 -19.48 -49.05 -36.07
N THR A 119 -20.10 -48.94 -34.89
CA THR A 119 -19.45 -48.25 -33.78
C THR A 119 -18.22 -48.98 -33.29
N GLY A 120 -18.19 -50.31 -33.38
CA GLY A 120 -17.01 -51.04 -32.97
C GLY A 120 -15.81 -50.79 -33.85
N THR A 121 -16.04 -50.42 -35.11
CA THR A 121 -14.94 -50.07 -36.00
C THR A 121 -14.39 -48.69 -35.71
N ALA A 122 -15.28 -47.72 -35.46
CA ALA A 122 -14.85 -46.37 -35.10
C ALA A 122 -14.11 -46.34 -33.76
N ASN A 123 -14.31 -47.37 -32.92
CA ASN A 123 -13.55 -47.44 -31.68
C ASN A 123 -12.12 -47.88 -31.93
N ARG A 124 -11.92 -48.84 -32.84
CA ARG A 124 -10.57 -49.30 -33.16
C ARG A 124 -9.78 -48.22 -33.87
N LEU A 125 -10.39 -47.55 -34.84
CA LEU A 125 -9.70 -46.51 -35.60
C LEU A 125 -9.41 -45.28 -34.76
N PHE A 126 -10.09 -45.11 -33.63
CA PHE A 126 -9.80 -43.99 -32.74
C PHE A 126 -8.47 -44.19 -32.03
N PHE A 127 -8.22 -45.41 -31.54
CA PHE A 127 -6.95 -45.70 -30.87
C PHE A 127 -5.82 -45.94 -31.86
N ASP A 128 -6.13 -46.24 -33.12
CA ASP A 128 -5.10 -46.24 -34.14
C ASP A 128 -4.52 -44.84 -34.35
N THR A 129 -5.36 -43.82 -34.18
CA THR A 129 -4.93 -42.42 -34.29
C THR A 129 -4.39 -41.90 -32.97
N SER A 130 -5.00 -42.30 -31.85
CA SER A 130 -4.54 -41.83 -30.54
C SER A 130 -3.13 -42.34 -30.24
N ASN A 131 -2.93 -43.65 -30.35
CA ASN A 131 -1.61 -44.23 -30.11
C ASN A 131 -0.61 -43.89 -31.21
N GLN A 132 -1.07 -43.38 -32.35
CA GLN A 132 -0.14 -42.92 -33.38
C GLN A 132 0.53 -41.61 -32.97
N LEU A 133 -0.22 -40.74 -32.30
CA LEU A 133 0.35 -39.47 -31.84
C LEU A 133 1.23 -39.66 -30.61
N ILE A 134 0.82 -40.56 -29.71
CA ILE A 134 1.60 -40.79 -28.50
C ILE A 134 2.98 -41.34 -28.82
N SER A 135 3.09 -42.16 -29.88
CA SER A 135 4.37 -42.75 -30.24
C SER A 135 5.22 -41.81 -31.08
N ARG A 136 4.60 -40.97 -31.91
CA ARG A 136 5.34 -40.07 -32.78
C ARG A 136 5.61 -38.70 -32.15
N LEU A 137 5.03 -38.42 -30.98
CA LEU A 137 5.26 -37.13 -30.34
C LEU A 137 6.72 -36.87 -29.96
N PRO A 138 7.48 -37.83 -29.43
CA PRO A 138 8.90 -37.54 -29.11
C PRO A 138 9.73 -37.16 -30.32
N GLN A 139 9.23 -37.34 -31.55
CA GLN A 139 9.98 -36.93 -32.73
C GLN A 139 10.00 -35.41 -32.88
N PHE A 140 9.07 -34.70 -32.23
CA PHE A 140 9.04 -33.24 -32.25
C PHE A 140 9.75 -32.63 -31.05
N GLU A 141 10.22 -33.45 -30.11
CA GLU A 141 11.05 -32.97 -29.01
C GLU A 141 12.52 -33.14 -29.38
N ILE A 142 12.90 -32.46 -30.46
CA ILE A 142 14.23 -32.61 -31.05
C ILE A 142 15.25 -31.95 -30.14
N ALA A 143 16.18 -32.75 -29.63
CA ALA A 143 17.22 -32.22 -28.75
C ALA A 143 18.18 -31.34 -29.53
N GLY A 144 18.63 -30.25 -28.90
CA GLY A 144 19.52 -29.32 -29.53
C GLY A 144 18.87 -28.37 -30.53
N TYR A 145 17.57 -28.48 -30.73
CA TYR A 145 16.84 -27.61 -31.65
C TYR A 145 15.48 -27.26 -31.07
N GLU A 146 15.42 -27.08 -29.75
CA GLU A 146 14.15 -26.79 -29.09
C GLU A 146 13.56 -25.45 -29.51
N GLY A 147 14.37 -24.55 -30.06
CA GLY A 147 13.85 -23.26 -30.48
C GLY A 147 12.86 -23.37 -31.62
N VAL A 148 13.17 -24.21 -32.60
CA VAL A 148 12.29 -24.39 -33.75
C VAL A 148 11.24 -25.47 -33.49
N SER A 149 11.62 -26.54 -32.77
CA SER A 149 10.73 -27.66 -32.57
C SER A 149 9.57 -27.34 -31.63
N ILE A 150 9.70 -26.32 -30.79
CA ILE A 150 8.66 -26.03 -29.82
C ILE A 150 7.37 -25.59 -30.52
N SER A 151 7.50 -24.90 -31.66
CA SER A 151 6.30 -24.51 -32.41
C SER A 151 5.62 -25.72 -33.04
N LEU A 152 6.39 -26.74 -33.43
CA LEU A 152 5.82 -27.93 -34.03
C LEU A 152 5.21 -28.84 -32.97
N PHE A 153 5.94 -29.06 -31.88
CA PHE A 153 5.44 -29.89 -30.79
C PHE A 153 4.16 -29.32 -30.18
N THR A 154 3.94 -28.01 -30.32
CA THR A 154 2.74 -27.39 -29.76
C THR A 154 1.49 -27.80 -30.55
N GLN A 155 1.58 -27.82 -31.87
CA GLN A 155 0.43 -28.19 -32.69
C GLN A 155 0.09 -29.67 -32.57
N MET A 156 1.10 -30.52 -32.39
CA MET A 156 0.85 -31.95 -32.31
C MET A 156 0.10 -32.30 -31.02
N CYS A 157 0.46 -31.65 -29.91
CA CYS A 157 -0.29 -31.85 -28.67
C CYS A 157 -1.69 -31.28 -28.78
N THR A 158 -1.83 -30.14 -29.47
CA THR A 158 -3.17 -29.62 -29.77
C THR A 158 -3.95 -30.61 -30.63
N PHE A 159 -3.27 -31.29 -31.55
CA PHE A 159 -3.93 -32.29 -32.39
C PHE A 159 -4.41 -33.48 -31.55
N HIS A 160 -3.60 -33.92 -30.59
CA HIS A 160 -3.96 -35.09 -29.80
C HIS A 160 -4.99 -34.76 -28.73
N LEU A 161 -4.84 -33.62 -28.05
CA LEU A 161 -5.79 -33.26 -27.01
C LEU A 161 -7.17 -32.99 -27.59
N GLY A 162 -7.23 -32.40 -28.78
CA GLY A 162 -8.52 -32.23 -29.44
C GLY A 162 -9.13 -33.54 -29.88
N LEU A 163 -8.30 -34.53 -30.20
CA LEU A 163 -8.82 -35.85 -30.56
C LEU A 163 -9.45 -36.54 -29.37
N LEU A 164 -8.81 -36.47 -28.20
CA LEU A 164 -9.34 -37.14 -27.03
C LEU A 164 -10.64 -36.50 -26.56
N LYS A 165 -10.77 -35.17 -26.69
CA LYS A 165 -11.99 -34.51 -26.26
C LYS A 165 -13.18 -34.94 -27.11
N ASP A 166 -12.99 -35.05 -28.42
CA ASP A 166 -14.07 -35.49 -29.29
C ASP A 166 -14.50 -36.92 -28.98
N GLY A 167 -13.55 -37.78 -28.60
CA GLY A 167 -13.91 -39.14 -28.24
C GLY A 167 -14.63 -39.26 -26.92
N ILE A 168 -14.34 -38.34 -25.98
CA ILE A 168 -14.99 -38.38 -24.68
C ILE A 168 -16.46 -38.01 -24.80
N LEU A 169 -16.75 -36.88 -25.46
CA LEU A 169 -18.13 -36.43 -25.60
C LEU A 169 -18.95 -37.31 -26.53
N ALA A 170 -18.30 -38.08 -27.40
CA ALA A 170 -19.03 -39.00 -28.28
C ALA A 170 -19.53 -40.21 -27.51
N GLY A 171 -18.63 -40.92 -26.83
CA GLY A 171 -19.00 -42.06 -26.03
C GLY A 171 -19.53 -43.23 -26.82
N SER A 172 -20.82 -43.55 -26.65
CA SER A 172 -21.39 -44.71 -27.32
C SER A 172 -21.49 -44.54 -28.83
N ASP A 173 -21.46 -43.29 -29.33
CA ASP A 173 -21.54 -43.09 -30.77
C ASP A 173 -20.29 -43.58 -31.48
N TRP A 174 -19.15 -43.59 -30.80
CA TRP A 174 -17.90 -44.08 -31.36
C TRP A 174 -17.44 -45.37 -30.70
N GLY A 175 -18.34 -46.06 -29.99
CA GLY A 175 -18.01 -47.33 -29.38
C GLY A 175 -17.22 -47.26 -28.11
N PHE A 176 -17.53 -46.30 -27.24
CA PHE A 176 -16.85 -46.15 -25.95
C PHE A 176 -17.84 -46.50 -24.85
N ALA A 177 -17.58 -47.60 -24.15
CA ALA A 177 -18.33 -47.94 -22.97
C ALA A 177 -18.04 -46.94 -21.85
N PRO A 178 -18.91 -46.86 -20.84
CA PRO A 178 -18.61 -45.98 -19.70
C PRO A 178 -17.25 -46.24 -19.06
N ALA A 179 -16.75 -47.47 -19.15
CA ALA A 179 -15.39 -47.74 -18.70
C ALA A 179 -14.36 -47.26 -19.71
N ASP A 180 -14.67 -47.40 -21.00
CA ASP A 180 -13.78 -46.87 -22.04
C ASP A 180 -13.78 -45.35 -22.04
N LYS A 181 -14.92 -44.73 -21.70
CA LYS A 181 -14.98 -43.27 -21.65
C LYS A 181 -14.12 -42.73 -20.52
N ASP A 182 -14.15 -43.39 -19.35
CA ASP A 182 -13.30 -42.97 -18.25
C ASP A 182 -11.82 -43.15 -18.58
N ALA A 183 -11.48 -44.17 -19.36
CA ALA A 183 -10.09 -44.37 -19.75
C ALA A 183 -9.56 -43.20 -20.58
N LEU A 184 -10.42 -42.59 -21.40
CA LEU A 184 -10.01 -41.42 -22.17
C LEU A 184 -9.91 -40.19 -21.27
N ILE A 185 -10.83 -40.05 -20.32
CA ILE A 185 -10.80 -38.91 -19.41
C ILE A 185 -9.52 -38.95 -18.57
N CYS A 186 -9.10 -40.15 -18.16
CA CYS A 186 -7.86 -40.27 -17.41
C CYS A 186 -6.64 -39.95 -18.28
N GLN A 187 -6.74 -40.17 -19.59
CA GLN A 187 -5.64 -39.81 -20.48
C GLN A 187 -5.61 -38.31 -20.75
N PHE A 188 -6.78 -37.69 -20.92
CA PHE A 188 -6.82 -36.25 -21.11
C PHE A 188 -6.30 -35.51 -19.88
N ASN A 189 -6.69 -35.96 -18.69
CA ASN A 189 -6.22 -35.32 -17.46
C ASN A 189 -4.73 -35.53 -17.25
N ARG A 190 -4.18 -36.61 -17.80
CA ARG A 190 -2.73 -36.84 -17.70
C ARG A 190 -1.97 -36.06 -18.76
N PHE A 191 -2.47 -36.04 -19.99
CA PHE A 191 -1.74 -35.42 -21.09
C PHE A 191 -1.85 -33.91 -21.09
N VAL A 192 -2.92 -33.35 -20.52
CA VAL A 192 -3.04 -31.89 -20.47
C VAL A 192 -2.02 -31.28 -19.53
N ASN A 193 -1.50 -32.07 -18.58
CA ASN A 193 -0.42 -31.61 -17.71
C ASN A 193 0.94 -32.13 -18.13
N GLU A 194 1.00 -33.30 -18.77
CA GLU A 194 2.28 -33.82 -19.25
C GLU A 194 2.76 -33.05 -20.47
N TYR A 195 1.85 -32.70 -21.38
CA TYR A 195 2.25 -31.90 -22.53
C TYR A 195 2.63 -30.48 -22.14
N ASN A 196 1.97 -29.94 -21.11
CA ASN A 196 2.35 -28.61 -20.63
C ASN A 196 3.74 -28.64 -19.98
N THR A 197 4.02 -29.69 -19.20
CA THR A 197 5.33 -29.82 -18.59
C THR A 197 6.41 -30.03 -19.64
N ARG A 198 6.16 -30.91 -20.61
CA ARG A 198 7.12 -31.13 -21.68
C ARG A 198 7.30 -29.89 -22.54
N LEU A 199 6.25 -29.08 -22.68
CA LEU A 199 6.36 -27.83 -23.44
C LEU A 199 7.28 -26.84 -22.74
N MET A 200 7.12 -26.67 -21.43
CA MET A 200 7.96 -25.75 -20.68
C MET A 200 9.40 -26.24 -20.58
N VAL A 201 9.64 -27.55 -20.70
CA VAL A 201 11.00 -28.04 -20.75
C VAL A 201 11.70 -27.54 -22.02
N LEU A 202 11.00 -27.60 -23.16
CA LEU A 202 11.57 -27.08 -24.40
C LEU A 202 11.78 -25.58 -24.32
N TYR A 203 10.85 -24.86 -23.69
CA TYR A 203 10.96 -23.41 -23.61
C TYR A 203 12.08 -22.99 -22.66
N SER A 204 12.16 -23.62 -21.49
CA SER A 204 13.16 -23.22 -20.51
C SER A 204 14.58 -23.53 -20.98
N LYS A 205 14.76 -24.63 -21.71
CA LYS A 205 16.08 -24.97 -22.21
C LYS A 205 16.59 -23.92 -23.20
N GLU A 206 15.70 -23.42 -24.05
CA GLU A 206 16.12 -22.49 -25.10
C GLU A 206 16.13 -21.04 -24.61
N PHE A 207 15.07 -20.62 -23.92
CA PHE A 207 15.06 -19.26 -23.36
C PHE A 207 16.17 -19.08 -22.34
N GLY A 208 16.56 -20.16 -21.66
CA GLY A 208 17.69 -20.08 -20.75
C GLY A 208 19.02 -20.03 -21.48
N ARG A 209 19.12 -20.76 -22.61
CA ARG A 209 20.35 -20.75 -23.39
C ARG A 209 20.60 -19.37 -23.98
N LEU A 210 19.55 -18.74 -24.53
CA LEU A 210 19.72 -17.47 -25.22
C LEU A 210 19.90 -16.31 -24.24
N LEU A 211 19.33 -16.41 -23.04
CA LEU A 211 19.58 -15.39 -22.02
C LEU A 211 21.06 -15.30 -21.70
N ALA A 212 21.78 -16.43 -21.72
CA ALA A 212 23.22 -16.41 -21.53
C ALA A 212 23.98 -16.07 -22.80
N LYS A 213 23.36 -16.23 -23.97
CA LYS A 213 24.01 -15.94 -25.24
C LYS A 213 23.82 -14.49 -25.65
N ASN A 214 22.58 -14.05 -25.76
CA ASN A 214 22.29 -12.68 -26.21
C ASN A 214 20.88 -12.31 -25.76
N LEU A 215 20.76 -11.21 -25.02
CA LEU A 215 19.46 -10.81 -24.49
C LEU A 215 18.48 -10.46 -25.61
N ASN A 216 18.97 -9.77 -26.64
CA ASN A 216 18.11 -9.44 -27.78
C ASN A 216 17.62 -10.70 -28.47
N GLU A 217 18.47 -11.73 -28.55
CA GLU A 217 18.06 -12.99 -29.15
C GLU A 217 17.11 -13.75 -28.23
N ALA A 218 17.29 -13.64 -26.91
CA ALA A 218 16.39 -14.31 -25.98
C ALA A 218 15.00 -13.69 -26.02
N LEU A 219 14.92 -12.37 -26.17
CA LEU A 219 13.62 -11.72 -26.30
C LEU A 219 12.94 -12.10 -27.62
N ASN A 220 13.73 -12.29 -28.68
CA ASN A 220 13.16 -12.71 -29.96
C ASN A 220 12.54 -14.10 -29.84
N PHE A 221 13.15 -14.98 -29.05
CA PHE A 221 12.59 -16.31 -28.86
C PHE A 221 11.30 -16.27 -28.07
N ARG A 222 11.26 -15.45 -27.01
CA ARG A 222 10.04 -15.31 -26.23
C ARG A 222 8.93 -14.66 -27.04
N ASN A 223 9.27 -13.73 -27.93
CA ASN A 223 8.27 -13.14 -28.80
C ASN A 223 7.62 -14.19 -29.70
N MET A 224 8.44 -15.11 -30.22
CA MET A 224 7.92 -16.18 -31.07
C MET A 224 6.99 -17.09 -30.27
N CYS A 225 7.40 -17.47 -29.06
CA CYS A 225 6.58 -18.36 -28.24
C CYS A 225 5.29 -17.69 -27.79
N SER A 226 5.29 -16.36 -27.67
CA SER A 226 4.08 -15.65 -27.29
C SER A 226 3.02 -15.68 -28.38
N LEU A 227 3.42 -15.97 -29.63
CA LEU A 227 2.49 -16.03 -30.75
C LEU A 227 2.31 -17.43 -31.31
N TYR A 228 3.32 -18.28 -31.22
CA TYR A 228 3.28 -19.61 -31.82
C TYR A 228 3.08 -20.74 -30.83
N VAL A 229 3.27 -20.51 -29.53
CA VAL A 229 3.30 -21.60 -28.56
C VAL A 229 2.29 -21.34 -27.44
N PHE A 230 2.50 -20.28 -26.69
CA PHE A 230 1.75 -19.98 -25.47
C PHE A 230 0.26 -19.70 -25.69
N PRO A 231 -0.18 -19.16 -26.83
CA PRO A 231 -1.63 -19.09 -27.05
C PRO A 231 -2.32 -20.46 -27.04
N PHE A 232 -1.59 -21.53 -27.37
CA PHE A 232 -2.18 -22.85 -27.41
C PHE A 232 -2.08 -23.57 -26.08
N SER A 233 -1.02 -23.33 -25.30
CA SER A 233 -0.94 -23.91 -23.96
C SER A 233 -2.09 -23.43 -23.09
N GLU A 234 -2.50 -22.17 -23.26
CA GLU A 234 -3.69 -21.68 -22.57
C GLU A 234 -4.95 -22.36 -23.07
N ALA A 235 -5.00 -22.65 -24.38
CA ALA A 235 -6.17 -23.34 -24.93
C ALA A 235 -6.29 -24.75 -24.36
N TRP A 236 -5.18 -25.37 -23.98
CA TRP A 236 -5.23 -26.70 -23.37
C TRP A 236 -5.89 -26.64 -22.00
N SER A 237 -5.64 -25.58 -21.24
CA SER A 237 -6.26 -25.45 -19.91
C SER A 237 -7.75 -25.17 -20.02
N LEU A 238 -8.17 -24.43 -21.04
CA LEU A 238 -9.58 -24.15 -21.27
C LEU A 238 -10.28 -25.23 -22.08
N LEU A 239 -9.57 -26.30 -22.44
CA LEU A 239 -10.12 -27.28 -23.38
C LEU A 239 -11.22 -28.13 -22.74
N ARG A 240 -11.20 -28.29 -21.41
CA ARG A 240 -12.18 -29.13 -20.75
C ARG A 240 -13.51 -28.43 -20.51
N TYR A 241 -13.62 -27.14 -20.85
CA TYR A 241 -14.83 -26.37 -20.65
C TYR A 241 -15.47 -26.03 -21.98
N GLU A 242 -16.56 -25.26 -21.91
CA GLU A 242 -17.24 -24.72 -23.09
C GLU A 242 -17.91 -23.41 -22.68
N GLY A 243 -17.66 -22.35 -23.45
CA GLY A 243 -18.23 -21.05 -23.17
C GLY A 243 -17.26 -20.04 -22.62
N THR A 244 -15.97 -20.37 -22.52
CA THR A 244 -14.96 -19.44 -22.05
C THR A 244 -14.43 -18.63 -23.23
N LYS A 245 -13.39 -17.83 -22.99
CA LYS A 245 -12.79 -16.99 -24.02
C LYS A 245 -11.30 -17.26 -24.07
N LEU A 246 -10.78 -17.52 -25.26
CA LEU A 246 -9.35 -17.70 -25.47
C LEU A 246 -8.71 -16.35 -25.71
N GLU A 247 -8.00 -15.84 -24.72
CA GLU A 247 -7.40 -14.51 -24.77
C GLU A 247 -5.90 -14.61 -24.54
N ASN A 248 -5.13 -13.82 -25.29
CA ASN A 248 -3.69 -13.75 -25.16
C ASN A 248 -3.30 -12.30 -24.89
N THR A 249 -2.70 -12.06 -23.73
CA THR A 249 -2.26 -10.71 -23.34
C THR A 249 -0.75 -10.64 -23.11
N LEU A 250 0.00 -11.57 -23.67
CA LEU A 250 1.45 -11.52 -23.59
C LEU A 250 1.99 -10.34 -24.39
N SER A 251 3.12 -9.81 -23.93
CA SER A 251 3.74 -8.64 -24.55
C SER A 251 4.95 -9.04 -25.39
N LEU A 252 5.28 -8.17 -26.34
CA LEU A 252 6.45 -8.35 -27.21
C LEU A 252 7.50 -7.31 -26.86
N TRP A 253 8.76 -7.75 -26.79
CA TRP A 253 9.86 -6.91 -26.33
C TRP A 253 10.91 -6.80 -27.42
N ASN A 254 11.23 -5.56 -27.79
CA ASN A 254 12.30 -5.28 -28.75
C ASN A 254 13.50 -4.68 -28.01
N PHE A 255 14.70 -5.02 -28.46
CA PHE A 255 15.94 -4.62 -27.82
C PHE A 255 16.75 -3.76 -28.78
N VAL A 256 17.24 -2.62 -28.29
CA VAL A 256 18.11 -1.73 -29.05
C VAL A 256 19.25 -1.30 -28.13
N GLY A 257 20.48 -1.51 -28.59
CA GLY A 257 21.64 -1.09 -27.85
C GLY A 257 22.76 -2.10 -27.99
N GLU A 258 23.72 -2.02 -27.06
CA GLU A 258 24.86 -2.92 -27.07
C GLU A 258 24.45 -4.29 -26.53
N SER A 259 25.30 -5.28 -26.81
CA SER A 259 24.98 -6.66 -26.46
C SER A 259 25.04 -6.86 -24.95
N ILE A 260 24.11 -7.66 -24.44
CA ILE A 260 24.07 -8.06 -23.04
C ILE A 260 23.84 -9.57 -22.99
N ASN A 261 24.68 -10.28 -22.25
CA ASN A 261 24.63 -11.74 -22.21
C ASN A 261 24.85 -12.21 -20.77
N ASN A 262 24.94 -13.53 -20.61
CA ASN A 262 25.23 -14.16 -19.32
C ASN A 262 24.16 -13.83 -18.29
N ILE A 263 22.90 -13.84 -18.72
CA ILE A 263 21.75 -13.62 -17.84
C ILE A 263 21.17 -14.98 -17.47
N SER A 264 20.98 -15.21 -16.17
CA SER A 264 20.41 -16.46 -15.72
C SER A 264 18.89 -16.39 -15.72
N PRO A 265 18.21 -17.53 -15.85
CA PRO A 265 16.75 -17.52 -15.70
C PRO A 265 16.29 -17.00 -14.35
N ASN A 266 17.09 -17.22 -13.30
CA ASN A 266 16.77 -16.64 -12.00
C ASN A 266 16.91 -15.12 -12.04
N ASP A 267 17.94 -14.61 -12.71
CA ASP A 267 18.09 -13.17 -12.88
C ASP A 267 16.93 -12.60 -13.67
N TRP A 268 16.38 -13.36 -14.61
CA TRP A 268 15.24 -12.91 -15.40
C TRP A 268 13.95 -12.97 -14.57
N LYS A 269 13.76 -14.04 -13.81
CA LYS A 269 12.50 -14.23 -13.09
C LYS A 269 12.37 -13.23 -11.95
N GLY A 270 13.44 -13.00 -11.20
CA GLY A 270 13.39 -12.21 -9.99
C GLY A 270 13.92 -10.80 -10.09
N ALA A 271 14.19 -10.29 -11.30
CA ALA A 271 14.75 -8.95 -11.43
C ALA A 271 14.40 -8.31 -12.76
N LEU A 272 15.00 -8.80 -13.85
CA LEU A 272 14.93 -8.11 -15.13
C LEU A 272 13.51 -7.97 -15.63
N TYR A 273 12.74 -9.07 -15.59
CA TYR A 273 11.37 -9.01 -16.10
C TYR A 273 10.50 -8.08 -15.28
N LYS A 274 10.80 -7.95 -13.97
CA LYS A 274 10.11 -6.96 -13.17
C LYS A 274 10.43 -5.55 -13.64
N LEU A 275 11.71 -5.29 -13.97
CA LEU A 275 12.11 -3.99 -14.45
C LEU A 275 11.50 -3.67 -15.81
N LEU A 276 11.27 -4.69 -16.64
CA LEU A 276 10.67 -4.45 -17.95
C LEU A 276 9.19 -4.12 -17.84
N MET A 277 8.49 -4.78 -16.91
CA MET A 277 7.06 -4.55 -16.76
C MET A 277 6.77 -3.21 -16.09
N GLY A 278 7.63 -2.77 -15.18
CA GLY A 278 7.37 -1.54 -14.46
C GLY A 278 6.11 -1.67 -13.63
N ALA A 279 5.12 -0.82 -13.93
CA ALA A 279 3.81 -0.93 -13.32
C ALA A 279 2.94 -1.81 -14.22
N PRO A 280 2.68 -3.06 -13.86
CA PRO A 280 1.93 -3.94 -14.78
C PRO A 280 0.47 -3.56 -14.95
N ASN A 281 -0.08 -2.74 -14.06
CA ASN A 281 -1.49 -2.38 -14.11
C ASN A 281 -1.74 -0.99 -14.67
N GLN A 282 -0.69 -0.32 -15.17
CA GLN A 282 -0.82 1.06 -15.65
C GLN A 282 -0.24 1.17 -17.05
N ARG A 283 -0.62 2.25 -17.73
CA ARG A 283 -0.08 2.57 -19.04
C ARG A 283 1.11 3.50 -18.91
N LEU A 284 1.82 3.69 -20.02
CA LEU A 284 3.01 4.54 -20.03
C LEU A 284 2.61 6.01 -20.06
N ASN A 285 3.24 6.81 -19.22
CA ASN A 285 3.02 8.25 -19.18
C ASN A 285 4.19 9.03 -19.76
N ASN A 286 5.41 8.72 -19.34
CA ASN A 286 6.60 9.37 -19.88
C ASN A 286 7.82 8.50 -19.58
N VAL A 287 8.82 8.60 -20.46
CA VAL A 287 10.08 7.88 -20.31
C VAL A 287 11.21 8.89 -20.31
N LYS A 288 12.13 8.75 -19.36
CA LYS A 288 13.27 9.65 -19.23
C LYS A 288 14.56 8.87 -19.46
N PHE A 289 15.48 9.47 -20.22
CA PHE A 289 16.75 8.84 -20.55
C PHE A 289 17.89 9.70 -20.04
N ASN A 290 18.93 9.05 -19.52
CA ASN A 290 20.14 9.72 -19.05
C ASN A 290 21.12 9.78 -20.20
N TYR A 291 21.18 10.94 -20.86
CA TYR A 291 21.93 11.12 -22.10
C TYR A 291 23.19 11.94 -21.85
N SER A 292 24.29 11.51 -22.47
CA SER A 292 25.56 12.20 -22.36
C SER A 292 26.27 12.20 -23.70
N TYR A 293 26.62 13.39 -24.19
CA TYR A 293 27.34 13.56 -25.43
C TYR A 293 28.77 14.00 -25.16
N PHE A 294 29.69 13.56 -26.00
CA PHE A 294 31.10 13.85 -25.82
C PHE A 294 31.75 14.12 -27.18
N SER A 295 32.58 15.16 -27.23
CA SER A 295 33.29 15.53 -28.44
C SER A 295 34.68 16.04 -28.06
N ASP A 296 35.68 15.71 -28.87
CA ASP A 296 37.06 16.07 -28.59
C ASP A 296 37.44 17.38 -29.29
N THR A 297 38.59 17.92 -28.89
CA THR A 297 39.05 19.19 -29.44
C THR A 297 39.43 19.08 -30.91
N GLN A 298 39.75 17.87 -31.39
CA GLN A 298 40.08 17.66 -32.79
C GLN A 298 38.84 17.53 -33.66
N ALA A 299 37.64 17.56 -33.07
CA ALA A 299 36.38 17.42 -33.80
C ALA A 299 36.32 16.10 -34.56
N THR A 300 36.94 15.06 -34.02
CA THR A 300 36.94 13.74 -34.63
C THR A 300 36.10 12.72 -33.89
N ILE A 301 36.04 12.80 -32.56
CA ILE A 301 35.32 11.82 -31.74
C ILE A 301 33.95 12.40 -31.41
N HIS A 302 32.91 11.58 -31.54
CA HIS A 302 31.55 11.94 -31.17
C HIS A 302 30.90 10.71 -30.56
N ARG A 303 30.76 10.70 -29.24
CA ARG A 303 30.23 9.54 -28.52
C ARG A 303 29.03 9.95 -27.70
N GLU A 304 27.88 9.35 -28.01
CA GLU A 304 26.66 9.50 -27.23
C GLU A 304 26.39 8.21 -26.45
N ASN A 305 25.81 8.36 -25.26
CA ASN A 305 25.55 7.23 -24.39
C ASN A 305 24.23 7.42 -23.68
N ILE A 306 23.54 6.31 -23.46
CA ILE A 306 22.31 6.27 -22.64
C ILE A 306 22.68 5.55 -21.34
N HIS A 307 22.81 6.31 -20.27
CA HIS A 307 23.27 5.77 -19.01
C HIS A 307 22.14 5.26 -18.12
N GLY A 308 20.89 5.55 -18.46
CA GLY A 308 19.78 5.09 -17.65
C GLY A 308 18.47 5.35 -18.34
N VAL A 309 17.44 4.66 -17.86
CA VAL A 309 16.08 4.81 -18.35
C VAL A 309 15.16 4.93 -17.15
N LEU A 310 14.28 5.93 -17.16
CA LEU A 310 13.32 6.16 -16.08
C LEU A 310 11.91 6.15 -16.65
N PRO A 311 11.17 5.05 -16.51
CA PRO A 311 9.79 5.02 -16.99
C PRO A 311 8.80 5.39 -15.89
N THR A 312 7.94 6.36 -16.17
CA THR A 312 6.88 6.78 -15.25
C THR A 312 5.54 6.40 -15.85
N TYR A 313 4.75 5.63 -15.10
CA TYR A 313 3.48 5.14 -15.58
C TYR A 313 2.33 5.99 -15.02
N ASN A 314 1.12 5.68 -15.48
CA ASN A 314 -0.04 6.52 -15.21
C ASN A 314 -0.52 6.45 -13.76
N GLY A 315 0.07 5.61 -12.93
CA GLY A 315 -0.35 5.54 -11.54
C GLY A 315 0.37 4.42 -10.81
N GLY A 316 -0.06 4.22 -9.57
CA GLY A 316 0.50 3.18 -8.73
C GLY A 316 -0.27 1.88 -8.86
N PRO A 317 -0.20 1.04 -7.82
CA PRO A 317 0.52 1.23 -6.55
C PRO A 317 2.02 0.98 -6.68
N THR A 318 2.51 0.70 -7.88
CA THR A 318 3.93 0.45 -8.09
C THR A 318 4.67 1.77 -8.22
N ILE A 319 5.79 1.89 -7.50
CA ILE A 319 6.64 3.06 -7.55
C ILE A 319 7.88 2.70 -8.37
N THR A 320 8.07 3.38 -9.50
CA THR A 320 9.15 3.09 -10.42
C THR A 320 10.35 4.00 -10.18
N GLY A 321 11.53 3.46 -10.44
CA GLY A 321 12.77 4.21 -10.27
C GLY A 321 13.68 4.12 -11.48
N TRP A 322 14.94 4.51 -11.31
CA TRP A 322 15.88 4.51 -12.41
C TRP A 322 16.41 3.10 -12.68
N ILE A 323 16.45 2.73 -13.95
CA ILE A 323 17.15 1.54 -14.41
C ILE A 323 18.49 2.02 -14.96
N GLY A 324 19.56 1.75 -14.21
CA GLY A 324 20.84 2.36 -14.51
C GLY A 324 21.13 3.48 -13.51
N ASN A 325 21.18 4.72 -13.97
CA ASN A 325 21.29 5.85 -13.06
C ASN A 325 20.82 7.11 -13.77
N GLY A 326 20.47 8.11 -12.96
CA GLY A 326 20.25 9.45 -13.45
C GLY A 326 21.36 10.41 -13.15
N ARG A 327 22.53 9.92 -12.74
CA ARG A 327 23.63 10.78 -12.33
C ARG A 327 24.39 11.33 -13.52
N PHE A 328 24.93 12.52 -13.36
CA PHE A 328 25.80 13.15 -14.35
C PHE A 328 27.24 12.93 -13.89
N SER A 329 27.91 11.97 -14.49
CA SER A 329 29.27 11.61 -14.10
C SER A 329 30.30 12.34 -14.95
N ILE A 341 19.70 18.72 -11.53
CA ILE A 341 20.05 19.38 -12.78
C ILE A 341 19.42 18.61 -13.95
N THR A 342 18.76 19.35 -14.85
CA THR A 342 18.13 18.75 -16.01
C THR A 342 19.10 18.61 -17.18
N LYS A 343 19.80 19.70 -17.53
CA LYS A 343 20.73 19.69 -18.65
C LYS A 343 21.89 20.62 -18.34
N ILE A 344 23.09 20.21 -18.77
CA ILE A 344 24.29 21.03 -18.60
C ILE A 344 25.13 20.93 -19.87
N LYS A 345 25.47 22.08 -20.44
CA LYS A 345 26.32 22.16 -21.63
C LYS A 345 27.67 22.72 -21.24
N GLN A 346 28.73 22.10 -21.75
CA GLN A 346 30.10 22.53 -21.49
C GLN A 346 30.85 22.70 -22.80
N GLU A 347 31.59 23.80 -22.91
CA GLU A 347 32.49 24.05 -24.02
C GLU A 347 33.85 24.42 -23.44
N ILE A 348 34.87 23.63 -23.75
CA ILE A 348 36.19 23.79 -23.16
C ILE A 348 37.21 24.07 -24.26
N THR A 349 38.08 25.04 -24.01
CA THR A 349 39.16 25.39 -24.93
C THR A 349 40.50 25.15 -24.23
N TYR A 350 41.39 24.43 -24.90
CA TYR A 350 42.69 24.06 -24.35
C TYR A 350 43.81 24.80 -25.09
N ASN A 351 45.04 24.54 -24.65
CA ASN A 351 46.23 25.05 -25.31
C ASN A 351 47.21 23.91 -25.59
N VAL A 361 40.57 14.41 -24.64
CA VAL A 361 40.63 15.84 -24.92
C VAL A 361 39.24 16.43 -25.09
N PRO A 362 38.44 16.43 -24.01
CA PRO A 362 37.03 16.80 -24.13
C PRO A 362 36.85 18.30 -24.37
N ALA A 363 36.30 18.65 -25.53
CA ALA A 363 35.99 20.03 -25.86
C ALA A 363 34.50 20.36 -25.82
N ALA A 364 33.64 19.34 -25.79
CA ALA A 364 32.20 19.57 -25.70
C ALA A 364 31.58 18.44 -24.89
N THR A 365 30.86 18.80 -23.83
CA THR A 365 30.24 17.81 -22.95
C THR A 365 28.82 18.24 -22.66
N ARG A 366 27.86 17.42 -23.07
CA ARG A 366 26.44 17.68 -22.84
C ARG A 366 25.85 16.51 -22.07
N ASN A 367 25.36 16.79 -20.86
CA ASN A 367 24.68 15.80 -20.03
C ASN A 367 23.24 16.28 -19.82
N GLU A 368 22.29 15.63 -20.47
CA GLU A 368 20.89 16.04 -20.47
C GLU A 368 19.99 14.87 -20.14
N ILE A 369 18.98 15.12 -19.33
CA ILE A 369 17.95 14.13 -19.04
C ILE A 369 16.83 14.34 -20.06
N LEU A 370 16.82 13.49 -21.10
CA LEU A 370 15.80 13.58 -22.13
C LEU A 370 14.49 12.99 -21.63
N THR A 371 13.40 13.43 -22.24
CA THR A 371 12.06 13.02 -21.82
C THR A 371 11.20 12.76 -23.05
N ALA A 372 10.50 11.63 -23.05
CA ALA A 372 9.53 11.28 -24.09
C ALA A 372 8.18 11.13 -23.43
N THR A 373 7.28 12.08 -23.70
CA THR A 373 5.98 12.15 -23.03
C THR A 373 4.90 11.56 -23.92
N VAL A 374 4.16 10.59 -23.38
CA VAL A 374 3.01 10.02 -24.10
C VAL A 374 1.94 11.09 -24.25
N PRO A 375 1.37 11.27 -25.45
CA PRO A 375 0.41 12.36 -25.65
C PRO A 375 -0.88 12.13 -24.88
N THR A 376 -1.51 13.23 -24.49
CA THR A 376 -2.80 13.20 -23.80
C THR A 376 -3.90 13.28 -24.85
N SER A 377 -4.52 12.14 -25.14
CA SER A 377 -5.55 12.06 -26.17
C SER A 377 -6.50 10.92 -25.82
N ALA A 378 -7.45 10.67 -26.72
CA ALA A 378 -8.38 9.56 -26.54
C ALA A 378 -7.69 8.22 -26.64
N ASP A 379 -6.52 8.15 -27.28
CA ASP A 379 -5.71 6.95 -27.37
C ASP A 379 -4.32 7.28 -26.83
N PRO A 380 -4.17 7.36 -25.50
CA PRO A 380 -2.90 7.79 -24.91
C PRO A 380 -1.85 6.68 -24.86
N PHE A 381 -1.45 6.20 -26.05
CA PHE A 381 -0.42 5.18 -26.16
C PHE A 381 0.44 5.47 -27.38
N PHE A 382 1.74 5.21 -27.25
CA PHE A 382 2.61 5.18 -28.41
C PHE A 382 2.31 3.95 -29.25
N LYS A 383 2.30 4.11 -30.57
CA LYS A 383 2.06 2.99 -31.47
C LYS A 383 3.37 2.43 -32.03
N THR A 384 4.18 3.28 -32.65
CA THR A 384 5.45 2.88 -33.23
C THR A 384 6.59 3.67 -32.62
N ALA A 385 7.80 3.15 -32.76
CA ALA A 385 8.99 3.79 -32.26
C ALA A 385 10.14 3.56 -33.24
N ASP A 386 11.10 4.50 -33.24
CA ASP A 386 12.27 4.45 -34.11
C ASP A 386 13.49 4.70 -33.22
N ILE A 387 13.95 3.65 -32.55
CA ILE A 387 15.12 3.72 -31.67
C ILE A 387 16.23 2.90 -32.31
N ASN A 388 17.42 3.49 -32.42
CA ASN A 388 18.54 2.81 -33.04
C ASN A 388 19.83 3.29 -32.40
N TRP A 389 20.83 2.40 -32.38
CA TRP A 389 22.15 2.69 -31.85
C TRP A 389 23.18 2.14 -32.83
N LYS A 390 24.11 2.99 -33.25
CA LYS A 390 25.11 2.60 -34.24
C LYS A 390 26.50 3.00 -33.76
N TYR A 391 27.38 2.01 -33.66
CA TYR A 391 28.80 2.23 -33.40
C TYR A 391 29.56 2.07 -34.71
N PHE A 392 30.34 3.07 -35.07
CA PHE A 392 31.01 3.07 -36.38
C PHE A 392 32.35 2.36 -36.30
N SER A 393 32.82 1.91 -37.47
CA SER A 393 33.96 1.00 -37.51
C SER A 393 35.24 1.55 -36.89
N PRO A 394 35.66 2.80 -37.16
CA PRO A 394 36.90 3.28 -36.51
C PRO A 394 36.77 3.41 -35.02
N GLY A 395 35.57 3.68 -34.50
CA GLY A 395 35.36 3.92 -33.09
C GLY A 395 35.20 5.38 -32.72
N LEU A 396 35.27 6.29 -33.68
CA LEU A 396 35.13 7.71 -33.39
C LEU A 396 33.68 8.11 -33.19
N TYR A 397 32.77 7.51 -33.95
CA TYR A 397 31.35 7.84 -33.89
C TYR A 397 30.58 6.72 -33.20
N SER A 398 29.63 7.11 -32.35
CA SER A 398 28.74 6.17 -31.68
C SER A 398 27.59 6.94 -31.03
N GLY A 399 26.43 6.97 -31.68
CA GLY A 399 25.33 7.79 -31.25
C GLY A 399 24.01 7.02 -31.20
N TRP A 400 22.98 7.71 -30.72
CA TRP A 400 21.65 7.15 -30.54
C TRP A 400 20.62 7.98 -31.29
N ASN A 401 19.54 7.30 -31.68
CA ASN A 401 18.36 7.95 -32.24
C ASN A 401 17.14 7.47 -31.46
N ILE A 402 16.39 8.40 -30.89
CA ILE A 402 15.20 8.09 -30.11
C ILE A 402 14.02 8.85 -30.70
N LYS A 403 12.97 8.12 -31.06
CA LYS A 403 11.80 8.74 -31.67
C LYS A 403 10.59 7.83 -31.45
N PHE A 404 9.53 8.38 -30.86
CA PHE A 404 8.28 7.68 -30.66
C PHE A 404 7.20 8.37 -31.48
N ASP A 405 6.49 7.59 -32.31
CA ASP A 405 5.46 8.11 -33.22
C ASP A 405 6.14 9.14 -34.12
N ASP A 406 5.62 10.36 -34.23
CA ASP A 406 6.24 11.39 -35.06
C ASP A 406 7.00 12.42 -34.26
N THR A 407 7.25 12.16 -32.98
CA THR A 407 7.97 13.09 -32.11
C THR A 407 9.39 12.58 -31.91
N VAL A 408 10.36 13.41 -32.29
CA VAL A 408 11.77 13.04 -32.21
C VAL A 408 12.30 13.44 -30.84
N THR A 409 12.61 12.44 -30.01
CA THR A 409 13.20 12.72 -28.70
C THR A 409 14.68 13.03 -28.81
N LEU A 410 15.40 12.29 -29.64
CA LEU A 410 16.85 12.47 -29.77
C LEU A 410 17.28 12.16 -31.20
N LYS A 411 17.79 13.18 -31.89
CA LYS A 411 18.50 12.98 -33.14
C LYS A 411 20.00 13.03 -32.85
N SER A 412 20.73 12.03 -33.35
CA SER A 412 22.14 11.91 -33.01
C SER A 412 22.92 13.11 -33.50
N ARG A 413 23.75 13.66 -32.59
CA ARG A 413 24.66 14.74 -32.94
C ARG A 413 25.91 14.24 -33.65
N VAL A 414 26.00 12.94 -33.90
CA VAL A 414 27.09 12.40 -34.73
C VAL A 414 26.99 12.99 -36.13
N PRO A 415 28.10 13.41 -36.74
CA PRO A 415 28.00 14.07 -38.05
C PRO A 415 27.35 13.22 -39.14
N SER A 416 27.35 11.90 -39.01
CA SER A 416 26.74 11.02 -39.99
C SER A 416 25.34 10.63 -39.56
N ILE A 417 24.52 10.25 -40.54
CA ILE A 417 23.14 9.88 -40.29
C ILE A 417 23.09 8.44 -39.80
N ILE A 418 22.19 8.16 -38.87
CA ILE A 418 22.02 6.84 -38.28
C ILE A 418 20.79 6.21 -38.90
N PRO A 419 20.87 4.95 -39.36
CA PRO A 419 19.74 4.35 -40.08
C PRO A 419 18.49 4.24 -39.21
N SER A 420 17.35 4.13 -39.87
CA SER A 420 16.08 3.98 -39.18
C SER A 420 15.90 2.54 -38.71
N ASN A 421 15.29 2.38 -37.54
CA ASN A 421 15.02 1.06 -36.96
C ASN A 421 13.60 1.10 -36.40
N ILE A 422 12.62 0.81 -37.26
CA ILE A 422 11.22 0.90 -36.88
C ILE A 422 10.86 -0.27 -35.96
N LEU A 423 10.45 0.05 -34.75
CA LEU A 423 9.91 -0.94 -33.81
C LEU A 423 8.39 -0.82 -33.85
N LYS A 424 7.73 -1.86 -34.34
CA LYS A 424 6.30 -1.77 -34.64
C LYS A 424 5.73 -3.16 -34.83
N TYR A 425 4.58 -3.41 -34.21
CA TYR A 425 3.80 -4.62 -34.41
C TYR A 425 2.35 -4.21 -34.68
N ASP A 426 1.81 -4.65 -35.82
CA ASP A 426 0.42 -4.35 -36.14
C ASP A 426 -0.50 -4.89 -35.05
N ASP A 427 -1.57 -4.14 -34.77
CA ASP A 427 -2.53 -4.45 -33.72
C ASP A 427 -1.90 -4.50 -32.34
N TYR A 428 -0.73 -3.86 -32.18
CA TYR A 428 -0.06 -3.75 -30.91
C TYR A 428 0.29 -2.29 -30.66
N TYR A 429 0.39 -1.92 -29.38
CA TYR A 429 0.78 -0.58 -28.98
C TYR A 429 1.91 -0.67 -27.97
N ILE A 430 2.61 0.46 -27.80
CA ILE A 430 3.73 0.54 -26.87
C ILE A 430 3.16 0.72 -25.46
N ARG A 431 3.32 -0.30 -24.62
CA ARG A 431 2.84 -0.29 -23.24
C ARG A 431 3.91 0.16 -22.25
N ALA A 432 5.14 -0.28 -22.42
CA ALA A 432 6.22 0.04 -21.49
C ALA A 432 7.51 0.28 -22.25
N VAL A 433 8.37 1.11 -21.68
CA VAL A 433 9.70 1.37 -22.22
C VAL A 433 10.67 1.30 -21.05
N SER A 434 11.55 0.30 -21.06
CA SER A 434 12.47 0.07 -19.95
C SER A 434 13.84 -0.24 -20.55
N ALA A 435 14.72 -0.82 -19.73
CA ALA A 435 16.07 -1.17 -20.16
C ALA A 435 16.61 -2.24 -19.22
N CYS A 436 17.84 -2.68 -19.50
CA CYS A 436 18.51 -3.67 -18.69
C CYS A 436 19.77 -3.07 -18.08
N PRO A 437 19.95 -3.20 -16.76
CA PRO A 437 21.17 -2.66 -16.14
C PRO A 437 22.41 -3.37 -16.66
N LYS A 438 23.37 -2.59 -17.13
CA LYS A 438 24.61 -3.10 -17.68
C LYS A 438 25.76 -2.87 -16.69
N GLY A 439 26.69 -3.81 -16.66
CA GLY A 439 27.84 -3.70 -15.79
C GLY A 439 27.62 -4.15 -14.36
N VAL A 440 26.43 -4.64 -14.02
CA VAL A 440 26.13 -5.10 -12.67
C VAL A 440 25.41 -6.44 -12.76
N SER A 441 25.49 -7.20 -11.66
CA SER A 441 24.81 -8.48 -11.58
C SER A 441 23.33 -8.28 -11.29
N LEU A 442 22.49 -9.11 -11.92
CA LEU A 442 21.04 -9.03 -11.77
C LEU A 442 20.51 -9.97 -10.70
N ALA A 443 21.36 -10.43 -9.79
CA ALA A 443 20.97 -11.41 -8.78
C ALA A 443 20.82 -10.80 -7.39
N TYR A 444 20.73 -9.47 -7.31
CA TYR A 444 20.65 -8.78 -6.02
C TYR A 444 19.27 -8.18 -5.83
N ASN A 445 18.83 -8.13 -4.56
CA ASN A 445 17.61 -7.46 -4.16
C ASN A 445 16.38 -8.05 -4.85
N HIS A 446 16.39 -9.36 -5.07
CA HIS A 446 15.23 -10.01 -5.66
C HIS A 446 14.05 -10.01 -4.68
N ASP A 447 14.31 -10.28 -3.40
CA ASP A 447 13.26 -10.31 -2.39
C ASP A 447 12.60 -8.97 -2.17
N PHE A 448 13.19 -7.87 -2.67
CA PHE A 448 12.67 -6.54 -2.44
C PHE A 448 12.16 -5.88 -3.72
N LEU A 449 12.28 -6.54 -4.87
CA LEU A 449 11.67 -6.05 -6.11
C LEU A 449 10.23 -6.54 -6.15
N THR A 450 9.38 -5.82 -5.42
CA THR A 450 7.99 -6.18 -5.24
C THR A 450 7.09 -5.28 -6.08
N LEU A 451 5.79 -5.57 -6.05
CA LEU A 451 4.81 -4.78 -6.79
C LEU A 451 4.53 -3.45 -6.11
N THR A 452 4.67 -3.38 -4.78
CA THR A 452 4.32 -2.20 -4.01
C THR A 452 5.44 -1.87 -3.04
N TYR A 453 5.25 -0.77 -2.31
CA TYR A 453 6.15 -0.32 -1.25
C TYR A 453 7.54 0.03 -1.77
N ASN A 454 8.33 -1.00 -2.12
CA ASN A 454 9.70 -0.76 -2.53
C ASN A 454 9.75 -0.16 -3.94
N LYS A 455 10.71 0.73 -4.16
CA LYS A 455 10.88 1.36 -5.45
C LYS A 455 11.47 0.35 -6.44
N LEU A 456 10.79 0.18 -7.57
CA LEU A 456 11.22 -0.76 -8.61
C LEU A 456 12.35 -0.10 -9.41
N GLU A 457 13.58 -0.35 -8.98
CA GLU A 457 14.74 0.26 -9.60
C GLU A 457 15.93 -0.68 -9.48
N TYR A 458 16.92 -0.47 -10.34
CA TYR A 458 18.16 -1.25 -10.30
C TYR A 458 19.30 -0.34 -10.72
N ASP A 459 20.15 0.03 -9.77
CA ASP A 459 21.22 0.97 -10.04
C ASP A 459 22.36 0.30 -10.81
N ALA A 460 22.88 1.00 -11.80
CA ALA A 460 23.95 0.51 -12.65
C ALA A 460 24.73 1.70 -13.18
N PRO A 461 26.01 1.51 -13.53
CA PRO A 461 26.76 2.64 -14.10
C PRO A 461 26.21 3.11 -15.43
N THR A 462 25.77 2.20 -16.28
CA THR A 462 25.21 2.52 -17.58
C THR A 462 24.29 1.39 -18.01
N THR A 463 23.32 1.70 -18.86
CA THR A 463 22.50 0.70 -19.51
C THR A 463 22.89 0.50 -20.97
N GLN A 464 23.06 1.60 -21.71
CA GLN A 464 23.45 1.56 -23.12
C GLN A 464 22.48 0.71 -23.95
N ASN A 465 21.23 0.64 -23.50
CA ASN A 465 20.21 -0.12 -24.22
C ASN A 465 18.84 0.43 -23.87
N ILE A 466 17.90 0.26 -24.79
CA ILE A 466 16.51 0.66 -24.60
C ILE A 466 15.64 -0.50 -25.03
N ILE A 467 14.73 -0.93 -24.15
CA ILE A 467 13.83 -2.03 -24.41
C ILE A 467 12.40 -1.50 -24.44
N VAL A 468 11.66 -1.86 -25.48
CA VAL A 468 10.30 -1.40 -25.69
C VAL A 468 9.34 -2.58 -25.55
N GLY A 469 8.25 -2.36 -24.82
CA GLY A 469 7.25 -3.39 -24.63
C GLY A 469 5.98 -3.14 -25.41
N PHE A 470 5.63 -4.08 -26.29
CA PHE A 470 4.43 -3.97 -27.12
C PHE A 470 3.33 -4.84 -26.53
N SER A 471 2.18 -4.23 -26.25
CA SER A 471 1.02 -4.95 -25.73
C SER A 471 -0.06 -5.04 -26.80
N PRO A 472 -0.78 -6.15 -26.87
CA PRO A 472 -1.82 -6.30 -27.90
C PRO A 472 -2.98 -5.34 -27.67
N ASP A 473 -3.66 -5.00 -28.78
CA ASP A 473 -4.71 -3.99 -28.75
C ASP A 473 -5.89 -4.39 -27.87
N ASN A 474 -6.03 -5.68 -27.55
CA ASN A 474 -7.15 -6.10 -26.71
C ASN A 474 -7.04 -5.56 -25.29
N THR A 475 -5.87 -5.11 -24.87
CA THR A 475 -5.67 -4.54 -23.55
C THR A 475 -5.82 -3.03 -23.51
N LYS A 476 -6.09 -2.39 -24.66
CA LYS A 476 -6.23 -0.94 -24.68
C LYS A 476 -7.40 -0.48 -23.82
N SER A 477 -8.47 -1.28 -23.75
CA SER A 477 -9.65 -0.88 -22.98
C SER A 477 -9.31 -0.71 -21.50
N PHE A 478 -8.55 -1.64 -20.94
CA PHE A 478 -8.20 -1.54 -19.52
C PHE A 478 -7.19 -0.43 -19.29
N TYR A 479 -6.06 -0.46 -19.99
CA TYR A 479 -4.98 0.47 -19.72
C TYR A 479 -5.35 1.92 -20.02
N ARG A 480 -6.42 2.15 -20.77
CA ARG A 480 -6.90 3.52 -20.98
C ARG A 480 -7.84 3.98 -19.88
N SER A 481 -8.74 3.10 -19.43
CA SER A 481 -9.75 3.46 -18.45
C SER A 481 -9.45 2.92 -17.05
N ASN A 482 -8.41 2.10 -16.90
CA ASN A 482 -8.02 1.53 -15.61
C ASN A 482 -9.15 0.73 -14.97
N SER A 483 -10.03 0.17 -15.79
CA SER A 483 -11.16 -0.60 -15.30
C SER A 483 -11.59 -1.60 -16.37
N HIS A 484 -12.24 -2.66 -15.91
CA HIS A 484 -12.70 -3.75 -16.79
C HIS A 484 -14.17 -3.52 -17.12
N TYR A 485 -14.43 -2.91 -18.26
CA TYR A 485 -15.80 -2.67 -18.71
C TYR A 485 -16.37 -3.94 -19.31
N LEU A 486 -17.55 -4.32 -18.83
CA LEU A 486 -18.21 -5.56 -19.24
C LEU A 486 -19.42 -5.26 -20.10
N SER A 487 -19.63 -6.08 -21.13
CA SER A 487 -20.75 -5.95 -22.03
C SER A 487 -21.64 -7.19 -21.91
N THR A 488 -22.95 -6.98 -21.98
CA THR A 488 -23.90 -8.08 -21.89
C THR A 488 -23.90 -8.94 -23.15
N THR A 489 -23.27 -8.50 -24.23
CA THR A 489 -23.18 -9.26 -25.46
C THR A 489 -21.99 -10.21 -25.49
N ASP A 490 -21.18 -10.24 -24.44
CA ASP A 490 -20.02 -11.11 -24.36
C ASP A 490 -20.36 -12.36 -23.56
N ASP A 491 -19.99 -13.52 -24.08
CA ASP A 491 -20.20 -14.77 -23.36
C ASP A 491 -19.14 -15.02 -22.30
N ALA A 492 -17.97 -14.38 -22.41
CA ALA A 492 -16.91 -14.57 -21.44
C ALA A 492 -15.96 -13.38 -21.49
N TYR A 493 -15.41 -13.04 -20.33
CA TYR A 493 -14.42 -11.97 -20.20
C TYR A 493 -13.28 -12.48 -19.33
N VAL A 494 -12.05 -12.17 -19.74
CA VAL A 494 -10.85 -12.64 -19.05
C VAL A 494 -10.23 -11.45 -18.33
N ILE A 495 -10.02 -11.58 -17.03
CA ILE A 495 -9.36 -10.56 -16.23
C ILE A 495 -7.98 -11.08 -15.85
N PRO A 496 -6.92 -10.64 -16.51
CA PRO A 496 -5.57 -11.06 -16.11
C PRO A 496 -5.24 -10.52 -14.72
N ALA A 497 -4.41 -11.27 -14.00
CA ALA A 497 -4.08 -10.91 -12.62
C ALA A 497 -3.39 -9.55 -12.55
N LEU A 498 -2.48 -9.28 -13.49
CA LEU A 498 -1.70 -8.05 -13.45
C LEU A 498 -2.53 -6.82 -13.78
N GLN A 499 -3.73 -6.97 -14.32
CA GLN A 499 -4.61 -5.83 -14.60
C GLN A 499 -5.53 -5.56 -13.41
N PHE A 500 -4.90 -5.19 -12.30
CA PHE A 500 -5.57 -4.98 -11.04
C PHE A 500 -5.66 -3.51 -10.70
N SER A 501 -6.45 -3.21 -9.66
CA SER A 501 -6.56 -1.86 -9.13
C SER A 501 -5.64 -1.65 -7.94
N THR A 502 -5.62 -2.61 -7.02
CA THR A 502 -4.73 -2.55 -5.87
C THR A 502 -4.30 -3.97 -5.51
N VAL A 503 -3.19 -4.07 -4.79
CA VAL A 503 -2.65 -5.36 -4.37
C VAL A 503 -1.96 -5.17 -3.02
N SER A 504 -1.90 -6.24 -2.24
CA SER A 504 -1.29 -6.18 -0.92
C SER A 504 0.22 -6.06 -1.04
N ASP A 505 0.84 -5.65 0.07
CA ASP A 505 2.29 -5.57 0.14
C ASP A 505 2.89 -6.97 0.15
N ARG A 506 4.21 -7.02 -0.10
CA ARG A 506 4.95 -8.27 -0.21
C ARG A 506 4.38 -9.18 -1.30
N SER A 507 3.88 -8.59 -2.37
CA SER A 507 3.40 -9.32 -3.54
C SER A 507 4.38 -9.14 -4.68
N PHE A 508 4.70 -10.24 -5.36
CA PHE A 508 5.70 -10.25 -6.42
C PHE A 508 5.03 -10.44 -7.78
N LEU A 509 5.86 -10.42 -8.82
CA LEU A 509 5.43 -10.67 -10.19
C LEU A 509 6.11 -11.94 -10.67
N GLU A 510 5.30 -12.94 -11.03
CA GLU A 510 5.80 -14.23 -11.48
C GLU A 510 5.57 -14.36 -12.97
N ASP A 511 6.65 -14.60 -13.72
CA ASP A 511 6.57 -14.77 -15.17
C ASP A 511 5.99 -16.14 -15.47
N THR A 512 4.69 -16.18 -15.80
CA THR A 512 3.99 -17.41 -16.16
C THR A 512 3.48 -17.26 -17.59
N PRO A 513 4.35 -17.43 -18.59
CA PRO A 513 3.91 -17.24 -19.98
C PRO A 513 2.98 -18.33 -20.48
N ASP A 514 2.95 -19.50 -19.83
CA ASP A 514 2.02 -20.55 -20.22
C ASP A 514 0.58 -20.17 -20.00
N GLN A 515 0.31 -19.09 -19.26
CA GLN A 515 -1.03 -18.59 -19.03
C GLN A 515 -1.47 -17.57 -20.09
N ALA A 516 -0.65 -17.34 -21.12
CA ALA A 516 -0.95 -16.40 -22.19
C ALA A 516 -1.16 -14.98 -21.67
N THR A 517 -0.60 -14.68 -20.51
CA THR A 517 -0.63 -13.35 -19.93
C THR A 517 0.79 -12.89 -19.63
N ASP A 518 0.90 -11.64 -19.21
CA ASP A 518 2.21 -11.06 -18.89
C ASP A 518 2.73 -11.49 -17.52
N GLY A 519 2.02 -12.37 -16.82
CA GLY A 519 2.51 -12.92 -15.57
C GLY A 519 1.39 -13.13 -14.59
N SER A 520 1.77 -13.48 -13.36
CA SER A 520 0.85 -13.74 -12.26
C SER A 520 1.31 -12.96 -11.03
N ILE A 521 0.57 -13.11 -9.94
CA ILE A 521 0.86 -12.42 -8.69
C ILE A 521 1.17 -13.47 -7.63
N LYS A 522 2.35 -13.35 -7.01
CA LYS A 522 2.78 -14.27 -5.96
C LYS A 522 2.59 -13.58 -4.61
N PHE A 523 1.66 -14.11 -3.81
CA PHE A 523 1.34 -13.54 -2.51
C PHE A 523 2.22 -14.17 -1.44
N THR A 524 3.00 -13.34 -0.74
CA THR A 524 3.96 -13.83 0.24
C THR A 524 3.85 -13.16 1.61
N ASP A 525 2.86 -12.29 1.82
CA ASP A 525 2.73 -11.60 3.10
C ASP A 525 2.48 -12.60 4.21
N THR A 526 3.34 -12.58 5.24
CA THR A 526 3.32 -13.60 6.28
C THR A 526 2.33 -13.29 7.40
N VAL A 527 2.26 -12.03 7.85
CA VAL A 527 1.39 -11.68 8.97
C VAL A 527 0.04 -11.20 8.45
N LEU A 528 0.04 -10.07 7.76
CA LEU A 528 -1.21 -9.52 7.26
C LEU A 528 -1.72 -10.32 6.07
N GLY A 529 -2.95 -10.01 5.65
CA GLY A 529 -3.60 -10.75 4.60
C GLY A 529 -3.01 -10.47 3.23
N ASN A 530 -3.47 -11.25 2.26
CA ASN A 530 -3.05 -11.16 0.87
C ASN A 530 -4.30 -11.01 0.00
N GLU A 531 -4.50 -9.81 -0.55
CA GLU A 531 -5.68 -9.56 -1.36
C GLU A 531 -5.29 -8.77 -2.60
N ALA A 532 -6.25 -8.68 -3.54
CA ALA A 532 -6.07 -7.92 -4.77
C ALA A 532 -7.46 -7.58 -5.32
N LYS A 533 -7.69 -6.31 -5.57
CA LYS A 533 -8.97 -5.84 -6.10
C LYS A 533 -8.87 -5.59 -7.59
N TYR A 534 -9.99 -5.75 -8.28
CA TYR A 534 -10.08 -5.58 -9.73
C TYR A 534 -11.28 -4.70 -10.04
N SER A 535 -11.01 -3.48 -10.50
CA SER A 535 -12.08 -2.54 -10.82
C SER A 535 -12.88 -3.03 -12.02
N ILE A 536 -14.20 -3.03 -11.87
CA ILE A 536 -15.11 -3.49 -12.92
C ILE A 536 -16.18 -2.44 -13.15
N ARG A 537 -16.60 -2.31 -14.40
CA ARG A 537 -17.69 -1.41 -14.79
C ARG A 537 -18.66 -2.16 -15.68
N LEU A 538 -19.87 -1.63 -15.80
CA LEU A 538 -20.92 -2.20 -16.63
C LEU A 538 -21.25 -1.21 -17.73
N ASN A 539 -21.09 -1.65 -18.99
CA ASN A 539 -21.42 -0.80 -20.12
C ASN A 539 -22.93 -0.52 -20.16
N THR A 540 -23.28 0.63 -20.73
CA THR A 540 -24.67 1.01 -20.84
C THR A 540 -25.43 -0.01 -21.69
N GLY A 541 -26.55 -0.49 -21.16
CA GLY A 541 -27.29 -1.56 -21.79
C GLY A 541 -27.00 -2.95 -21.26
N PHE A 542 -26.19 -3.05 -20.19
CA PHE A 542 -25.87 -4.35 -19.62
C PHE A 542 -27.09 -4.93 -18.91
N ASN A 543 -27.33 -6.21 -19.11
CA ASN A 543 -28.43 -6.91 -18.44
C ASN A 543 -27.95 -7.35 -17.07
N THR A 544 -28.37 -6.63 -16.03
CA THR A 544 -27.97 -6.94 -14.67
C THR A 544 -28.72 -8.14 -14.09
N ALA A 545 -29.70 -8.68 -14.81
CA ALA A 545 -30.45 -9.83 -14.34
C ALA A 545 -29.89 -11.17 -14.81
N THR A 546 -29.07 -11.16 -15.86
CA THR A 546 -28.48 -12.40 -16.35
C THR A 546 -27.54 -13.00 -15.32
N ARG A 547 -27.49 -14.32 -15.29
CA ARG A 547 -26.71 -15.05 -14.30
C ARG A 547 -25.31 -15.34 -14.83
N TYR A 548 -24.30 -15.12 -13.98
CA TYR A 548 -22.91 -15.29 -14.34
C TYR A 548 -22.23 -16.22 -13.34
N ARG A 549 -21.00 -16.61 -13.68
CA ARG A 549 -20.14 -17.37 -12.78
C ARG A 549 -18.72 -16.81 -12.90
N LEU A 550 -17.93 -17.06 -11.86
CA LEU A 550 -16.54 -16.64 -11.81
C LEU A 550 -15.63 -17.86 -11.74
N ILE A 551 -14.60 -17.87 -12.58
CA ILE A 551 -13.62 -18.95 -12.62
C ILE A 551 -12.28 -18.37 -12.17
N ILE A 552 -11.74 -18.90 -11.07
CA ILE A 552 -10.51 -18.42 -10.48
C ILE A 552 -9.44 -19.47 -10.72
N ARG A 553 -8.33 -19.08 -11.34
CA ARG A 553 -7.19 -19.95 -11.55
C ARG A 553 -6.08 -19.55 -10.60
N PHE A 554 -5.66 -20.49 -9.75
CA PHE A 554 -4.63 -20.22 -8.76
C PHE A 554 -3.84 -21.49 -8.49
N LYS A 555 -2.58 -21.31 -8.10
CA LYS A 555 -1.69 -22.41 -7.75
C LYS A 555 -1.33 -22.27 -6.27
N ALA A 556 -2.02 -23.01 -5.41
CA ALA A 556 -1.75 -23.01 -3.98
C ALA A 556 -1.06 -24.32 -3.60
N PRO A 557 0.26 -24.34 -3.44
CA PRO A 557 0.96 -25.61 -3.19
C PRO A 557 0.74 -26.18 -1.80
N ALA A 558 0.38 -25.36 -0.82
CA ALA A 558 0.18 -25.83 0.54
C ALA A 558 -1.24 -25.50 1.00
N ARG A 559 -1.70 -26.22 2.02
CA ARG A 559 -3.05 -26.02 2.52
C ARG A 559 -3.16 -24.69 3.26
N LEU A 560 -4.22 -23.94 2.97
CA LEU A 560 -4.56 -22.72 3.69
C LEU A 560 -5.76 -23.01 4.57
N ALA A 561 -5.61 -22.75 5.88
CA ALA A 561 -6.70 -23.04 6.81
C ALA A 561 -7.96 -22.25 6.47
N ALA A 562 -7.81 -20.94 6.29
CA ALA A 562 -8.95 -20.10 5.92
C ALA A 562 -9.22 -20.10 4.43
N GLY A 563 -8.35 -20.72 3.62
CA GLY A 563 -8.58 -20.79 2.20
C GLY A 563 -8.48 -19.44 1.51
N ILE A 564 -9.11 -19.37 0.33
CA ILE A 564 -9.10 -18.17 -0.50
C ILE A 564 -10.54 -17.73 -0.70
N ARG A 565 -10.81 -16.44 -0.47
CA ARG A 565 -12.15 -15.88 -0.53
C ARG A 565 -12.28 -15.01 -1.77
N VAL A 566 -13.39 -15.17 -2.48
CA VAL A 566 -13.72 -14.35 -3.64
C VAL A 566 -14.92 -13.48 -3.26
N ARG A 567 -14.77 -12.16 -3.40
CA ARG A 567 -15.78 -11.22 -2.98
C ARG A 567 -16.08 -10.23 -4.10
N SER A 568 -17.01 -9.32 -3.80
CA SER A 568 -17.31 -8.18 -4.65
C SER A 568 -17.67 -7.01 -3.75
N GLN A 569 -17.07 -5.85 -4.00
CA GLN A 569 -17.27 -4.67 -3.18
C GLN A 569 -17.81 -3.55 -4.05
N ASN A 570 -19.02 -3.08 -3.73
CA ASN A 570 -19.68 -2.02 -4.48
C ASN A 570 -20.25 -1.00 -3.49
N SER A 571 -19.46 0.03 -3.19
CA SER A 571 -19.88 1.15 -2.36
C SER A 571 -20.42 0.68 -1.01
N GLY A 572 -19.64 -0.17 -0.34
CA GLY A 572 -20.00 -0.67 0.97
C GLY A 572 -20.78 -1.98 0.96
N ASN A 573 -21.27 -2.42 -0.19
CA ASN A 573 -22.00 -3.68 -0.29
C ASN A 573 -21.00 -4.79 -0.62
N ASN A 574 -20.52 -5.47 0.41
CA ASN A 574 -19.58 -6.57 0.24
C ASN A 574 -20.35 -7.89 0.17
N LYS A 575 -20.27 -8.55 -0.98
CA LYS A 575 -20.91 -9.84 -1.20
C LYS A 575 -19.83 -10.89 -1.43
N LEU A 576 -19.87 -11.95 -0.63
CA LEU A 576 -18.94 -13.06 -0.78
C LEU A 576 -19.43 -13.97 -1.90
N LEU A 577 -18.62 -14.13 -2.94
CA LEU A 577 -18.97 -15.00 -4.05
C LEU A 577 -18.57 -16.44 -3.83
N GLY A 578 -17.64 -16.71 -2.91
CA GLY A 578 -17.23 -18.07 -2.64
C GLY A 578 -15.98 -18.20 -1.80
N GLY A 579 -15.94 -19.24 -0.96
CA GLY A 579 -14.76 -19.52 -0.16
C GLY A 579 -14.07 -20.79 -0.62
N ILE A 580 -12.97 -20.64 -1.32
CA ILE A 580 -12.27 -21.77 -1.93
C ILE A 580 -11.57 -22.60 -0.86
N PRO A 581 -11.89 -23.89 -0.72
CA PRO A 581 -11.14 -24.76 0.19
C PRO A 581 -9.82 -25.17 -0.43
N VAL A 582 -8.71 -24.81 0.21
CA VAL A 582 -7.38 -25.08 -0.29
C VAL A 582 -6.74 -26.16 0.58
N GLU A 583 -6.39 -27.28 -0.04
CA GLU A 583 -5.70 -28.36 0.65
C GLU A 583 -4.33 -28.67 0.07
N GLY A 584 -3.89 -27.93 -0.95
CA GLY A 584 -2.56 -28.12 -1.49
C GLY A 584 -2.52 -28.91 -2.79
N ASN A 585 -1.94 -28.29 -3.83
CA ASN A 585 -1.78 -28.95 -5.12
C ASN A 585 -0.64 -28.27 -5.87
N SER A 586 0.17 -29.06 -6.57
CA SER A 586 1.32 -28.54 -7.28
C SER A 586 0.96 -27.92 -8.63
N GLY A 587 -0.27 -28.07 -9.10
CA GLY A 587 -0.69 -27.54 -10.37
C GLY A 587 -1.73 -26.44 -10.22
N TRP A 588 -2.04 -25.80 -11.35
CA TRP A 588 -3.05 -24.75 -11.37
C TRP A 588 -4.44 -25.34 -11.16
N ILE A 589 -5.24 -24.65 -10.37
CA ILE A 589 -6.58 -25.12 -10.00
C ILE A 589 -7.59 -24.07 -10.45
N ASP A 590 -8.62 -24.52 -11.17
CA ASP A 590 -9.71 -23.65 -11.60
C ASP A 590 -10.90 -23.86 -10.67
N TYR A 591 -11.25 -22.83 -9.91
CA TYR A 591 -12.39 -22.86 -9.02
C TYR A 591 -13.56 -22.10 -9.65
N ILE A 592 -14.72 -22.75 -9.70
CA ILE A 592 -15.90 -22.18 -10.31
C ILE A 592 -16.89 -21.85 -9.19
N THR A 593 -17.11 -20.56 -8.96
CA THR A 593 -18.02 -20.13 -7.91
C THR A 593 -19.47 -20.44 -8.30
N ASP A 594 -20.36 -20.30 -7.33
CA ASP A 594 -21.77 -20.48 -7.60
C ASP A 594 -22.31 -19.36 -8.48
N SER A 595 -23.43 -19.63 -9.13
CA SER A 595 -24.03 -18.65 -10.03
C SER A 595 -24.52 -17.43 -9.27
N PHE A 596 -24.39 -16.27 -9.90
CA PHE A 596 -24.82 -15.01 -9.30
C PHE A 596 -25.19 -14.04 -10.41
N THR A 597 -25.83 -12.95 -10.01
CA THR A 597 -26.18 -11.86 -10.92
C THR A 597 -25.76 -10.54 -10.31
N PHE A 598 -25.56 -9.54 -11.17
CA PHE A 598 -25.15 -8.22 -10.69
C PHE A 598 -26.25 -7.52 -9.91
N ASP A 599 -27.51 -7.96 -10.06
CA ASP A 599 -28.56 -7.47 -9.18
C ASP A 599 -28.35 -7.97 -7.75
N ASP A 600 -27.84 -9.18 -7.59
CA ASP A 600 -27.50 -9.68 -6.26
C ASP A 600 -26.30 -8.94 -5.68
N LEU A 601 -25.41 -8.43 -6.54
CA LEU A 601 -24.24 -7.70 -6.09
C LEU A 601 -24.48 -6.19 -6.00
N GLY A 602 -25.66 -5.72 -6.38
CA GLY A 602 -25.95 -4.30 -6.33
C GLY A 602 -25.15 -3.45 -7.30
N ILE A 603 -24.61 -4.05 -8.36
CA ILE A 603 -23.81 -3.34 -9.34
C ILE A 603 -24.70 -2.99 -10.53
N THR A 604 -24.70 -1.72 -10.92
CA THR A 604 -25.49 -1.23 -12.03
C THR A 604 -24.57 -0.59 -13.07
N THR A 605 -25.18 0.06 -14.07
CA THR A 605 -24.40 0.79 -15.06
C THR A 605 -23.69 1.99 -14.43
N SER A 606 -24.38 2.71 -13.56
CA SER A 606 -23.80 3.88 -12.90
C SER A 606 -22.90 3.52 -11.72
N SER A 607 -22.67 2.23 -11.46
CA SER A 607 -21.78 1.81 -10.38
C SER A 607 -20.34 2.06 -10.79
N THR A 608 -19.67 3.01 -10.13
CA THR A 608 -18.31 3.37 -10.46
C THR A 608 -17.28 2.90 -9.45
N ASN A 609 -17.71 2.31 -8.34
CA ASN A 609 -16.80 1.81 -7.30
C ASN A 609 -17.00 0.32 -7.09
N ALA A 610 -17.21 -0.42 -8.18
CA ALA A 610 -17.36 -1.86 -8.12
C ALA A 610 -16.00 -2.55 -8.22
N PHE A 611 -15.86 -3.67 -7.51
CA PHE A 611 -14.60 -4.38 -7.46
C PHE A 611 -14.84 -5.88 -7.35
N PHE A 612 -13.79 -6.64 -7.67
CA PHE A 612 -13.75 -8.09 -7.45
C PHE A 612 -12.52 -8.40 -6.61
N SER A 613 -12.73 -8.96 -5.43
CA SER A 613 -11.69 -9.16 -4.44
C SER A 613 -11.29 -10.63 -4.36
N ILE A 614 -10.01 -10.87 -4.12
CA ILE A 614 -9.46 -12.21 -3.94
C ILE A 614 -8.52 -12.12 -2.74
N ASP A 615 -9.02 -12.47 -1.55
CA ASP A 615 -8.27 -12.29 -0.32
C ASP A 615 -7.97 -13.64 0.33
N SER A 616 -6.88 -13.68 1.10
CA SER A 616 -6.49 -14.85 1.88
C SER A 616 -5.76 -14.36 3.12
N ASP A 617 -5.55 -15.28 4.06
CA ASP A 617 -4.82 -14.94 5.28
C ASP A 617 -3.32 -14.89 5.01
N GLY A 618 -2.55 -14.65 6.06
CA GLY A 618 -1.10 -14.64 5.93
C GLY A 618 -0.56 -16.02 5.64
N VAL A 619 0.46 -16.09 4.80
CA VAL A 619 1.05 -17.35 4.37
C VAL A 619 2.54 -17.33 4.68
N ASN A 620 3.06 -18.50 5.03
CA ASN A 620 4.48 -18.65 5.31
C ASN A 620 5.21 -18.92 3.99
N ALA A 621 6.44 -19.45 4.06
CA ALA A 621 7.21 -19.68 2.85
C ALA A 621 6.60 -20.78 1.99
N SER A 622 6.13 -21.86 2.63
CA SER A 622 5.58 -22.99 1.89
C SER A 622 4.18 -22.70 1.34
N GLN A 623 3.42 -21.82 2.00
CA GLN A 623 2.04 -21.54 1.63
C GLN A 623 1.92 -20.42 0.59
N GLN A 624 3.03 -19.99 0.00
CA GLN A 624 2.99 -18.91 -0.99
C GLN A 624 2.29 -19.38 -2.26
N TRP A 625 1.15 -18.77 -2.56
CA TRP A 625 0.32 -19.15 -3.70
C TRP A 625 0.35 -18.07 -4.77
N TYR A 626 -0.15 -18.44 -5.94
CA TYR A 626 -0.14 -17.59 -7.12
C TYR A 626 -1.56 -17.40 -7.65
N LEU A 627 -1.79 -16.28 -8.33
CA LEU A 627 -3.07 -15.97 -8.94
C LEU A 627 -2.85 -15.67 -10.41
N SER A 628 -3.48 -16.44 -11.28
CA SER A 628 -3.27 -16.32 -12.72
C SER A 628 -4.23 -15.34 -13.37
N LYS A 629 -5.53 -15.58 -13.24
CA LYS A 629 -6.52 -14.75 -13.91
C LYS A 629 -7.90 -15.04 -13.32
N LEU A 630 -8.87 -14.22 -13.73
CA LEU A 630 -10.28 -14.42 -13.42
C LEU A 630 -11.07 -14.42 -14.72
N ILE A 631 -12.01 -15.35 -14.82
CA ILE A 631 -12.83 -15.50 -16.03
C ILE A 631 -14.29 -15.41 -15.64
N LEU A 632 -14.98 -14.40 -16.16
CA LEU A 632 -16.41 -14.21 -15.94
C LEU A 632 -17.18 -14.84 -17.09
N VAL A 633 -17.98 -15.87 -16.78
CA VAL A 633 -18.70 -16.62 -17.79
C VAL A 633 -20.20 -16.58 -17.47
N LYS A 634 -21.01 -16.64 -18.53
CA LYS A 634 -22.44 -16.76 -18.38
C LYS A 634 -22.81 -18.17 -17.97
N GLU A 635 -23.77 -18.29 -17.05
CA GLU A 635 -24.16 -19.61 -16.56
C GLU A 635 -24.77 -20.47 -17.66
N SER A 636 -25.52 -19.84 -18.57
CA SER A 636 -26.17 -20.60 -19.63
C SER A 636 -25.17 -21.12 -20.65
N SER A 637 -24.08 -20.41 -20.89
CA SER A 637 -23.11 -20.78 -21.90
C SER A 637 -21.96 -21.63 -21.37
N PHE A 638 -21.80 -21.72 -20.06
CA PHE A 638 -20.66 -22.43 -19.47
C PHE A 638 -21.03 -23.85 -19.11
N THR A 639 -20.11 -24.78 -19.39
CA THR A 639 -20.29 -26.19 -19.07
C THR A 639 -18.92 -26.84 -18.98
N THR A 640 -18.70 -27.64 -17.93
CA THR A 640 -17.49 -28.43 -17.80
C THR A 640 -17.72 -29.74 -18.54
N GLN A 641 -17.15 -29.85 -19.74
CA GLN A 641 -17.44 -30.99 -20.59
C GLN A 641 -16.56 -32.20 -20.26
N ILE A 642 -15.35 -31.98 -19.79
CA ILE A 642 -14.44 -33.05 -19.37
C ILE A 642 -14.23 -32.94 -17.87
N PRO A 643 -14.50 -33.98 -17.10
CA PRO A 643 -14.33 -33.90 -15.64
C PRO A 643 -12.91 -34.19 -15.20
N LEU A 644 -12.60 -33.76 -13.98
CA LEU A 644 -11.30 -34.04 -13.40
C LEU A 644 -11.21 -35.49 -12.92
N LYS A 645 -12.28 -36.00 -12.33
CA LYS A 645 -12.34 -37.39 -11.88
C LYS A 645 -13.21 -38.21 -12.81
N PRO A 646 -12.89 -39.50 -13.00
CA PRO A 646 -13.74 -40.34 -13.84
C PRO A 646 -15.11 -40.55 -13.21
N TYR A 647 -16.06 -40.99 -14.06
CA TYR A 647 -17.44 -41.17 -13.64
C TYR A 647 -17.67 -42.52 -12.98
N VAL A 648 -17.39 -43.61 -13.70
CA VAL A 648 -17.76 -44.95 -13.24
C VAL A 648 -16.67 -45.55 -12.36
N ILE A 649 -15.47 -45.71 -12.91
CA ILE A 649 -14.38 -46.31 -12.15
C ILE A 649 -14.02 -45.43 -10.96
N VAL A 650 -13.67 -46.07 -9.84
CA VAL A 650 -13.35 -45.32 -8.63
C VAL A 650 -12.03 -44.58 -8.78
N ARG A 651 -11.02 -45.25 -9.33
CA ARG A 651 -9.71 -44.65 -9.55
C ARG A 651 -9.29 -44.90 -10.99
N CYS A 652 -8.46 -43.99 -11.51
CA CYS A 652 -7.96 -44.12 -12.87
C CYS A 652 -6.98 -45.28 -12.97
N PRO A 653 -6.96 -45.98 -14.11
CA PRO A 653 -5.95 -47.04 -14.30
C PRO A 653 -4.57 -46.44 -14.47
N ASP A 654 -3.59 -47.08 -13.84
CA ASP A 654 -2.22 -46.60 -13.90
C ASP A 654 -1.53 -47.13 -15.16
N THR A 655 -0.27 -46.73 -15.34
CA THR A 655 0.51 -47.14 -16.50
C THR A 655 1.25 -48.46 -16.28
N PHE A 656 1.10 -49.07 -15.12
CA PHE A 656 1.82 -50.32 -14.85
C PHE A 656 1.14 -51.49 -15.56
N PHE A 657 1.87 -52.59 -15.63
CA PHE A 657 1.45 -53.78 -16.38
C PHE A 657 0.10 -54.33 -15.89
N PHE B 17 26.98 21.65 34.84
CA PHE B 17 25.63 21.70 35.39
C PHE B 17 24.77 20.55 34.87
N PRO B 18 24.53 19.53 35.69
CA PRO B 18 23.67 18.42 35.28
C PRO B 18 22.24 18.88 35.02
N MET B 19 21.82 18.86 33.76
CA MET B 19 20.52 19.36 33.37
C MET B 19 19.49 18.23 33.25
N TYR B 20 18.23 18.61 33.38
CA TYR B 20 17.09 17.70 33.19
C TYR B 20 16.16 18.36 32.18
N ASN B 21 16.24 17.90 30.93
CA ASN B 21 15.48 18.49 29.82
C ASN B 21 15.76 19.99 29.70
N GLY B 22 17.04 20.34 29.78
CA GLY B 22 17.47 21.72 29.66
C GLY B 22 17.36 22.54 30.92
N ARG B 23 16.65 22.06 31.95
CA ARG B 23 16.46 22.78 33.19
C ARG B 23 17.44 22.27 34.26
N LEU B 24 17.73 23.14 35.22
CA LEU B 24 18.63 22.78 36.31
C LEU B 24 17.94 21.99 37.41
N GLU B 25 16.62 22.09 37.51
CA GLU B 25 15.87 21.27 38.47
C GLU B 25 15.05 20.23 37.73
N PRO B 26 15.00 19.00 38.22
CA PRO B 26 14.19 17.96 37.55
C PRO B 26 12.72 18.32 37.61
N SER B 27 12.03 18.09 36.49
CA SER B 27 10.62 18.43 36.40
C SER B 27 9.77 17.47 37.23
N LEU B 28 8.61 17.96 37.65
CA LEU B 28 7.69 17.13 38.42
C LEU B 28 7.19 15.96 37.58
N ALA B 29 7.07 14.79 38.21
CA ALA B 29 6.62 13.61 37.49
C ALA B 29 5.20 13.82 36.96
N PRO B 30 4.90 13.32 35.77
CA PRO B 30 3.55 13.54 35.21
C PRO B 30 2.43 12.96 36.06
N ALA B 31 2.67 11.86 36.77
CA ALA B 31 1.64 11.24 37.59
C ALA B 31 1.42 11.96 38.92
N LEU B 32 2.18 13.02 39.20
CA LEU B 32 2.09 13.71 40.48
C LEU B 32 1.64 15.16 40.35
N ILE B 33 1.26 15.60 39.16
CA ILE B 33 0.83 16.98 38.99
C ILE B 33 -0.48 17.23 39.73
N ALA B 34 -0.77 18.51 39.97
CA ALA B 34 -1.91 18.87 40.80
C ALA B 34 -3.25 18.49 40.19
N VAL B 35 -3.33 18.36 38.86
CA VAL B 35 -4.58 17.97 38.22
C VAL B 35 -4.74 16.46 38.11
N ALA B 36 -3.80 15.69 38.65
CA ALA B 36 -3.91 14.24 38.57
C ALA B 36 -5.11 13.68 39.33
N PRO B 37 -5.39 14.09 40.58
CA PRO B 37 -6.59 13.57 41.25
C PRO B 37 -7.88 13.94 40.54
N ILE B 38 -7.94 15.14 39.94
CA ILE B 38 -9.13 15.53 39.18
C ILE B 38 -9.31 14.62 37.98
N ALA B 39 -8.22 14.31 37.28
CA ALA B 39 -8.32 13.42 36.13
C ALA B 39 -8.63 11.99 36.54
N LYS B 40 -8.15 11.56 37.71
CA LYS B 40 -8.46 10.21 38.17
C LYS B 40 -9.91 10.06 38.59
N TYR B 41 -10.49 11.11 39.17
CA TYR B 41 -11.90 11.07 39.51
C TYR B 41 -12.77 11.08 38.26
N LEU B 42 -12.42 11.92 37.28
CA LEU B 42 -13.17 11.95 36.03
C LEU B 42 -13.15 10.60 35.34
N ALA B 43 -12.03 9.88 35.42
CA ALA B 43 -11.98 8.53 34.87
C ALA B 43 -12.97 7.61 35.58
N THR B 44 -13.19 7.83 36.88
CA THR B 44 -14.17 7.02 37.61
C THR B 44 -15.59 7.48 37.34
N ALA B 45 -15.80 8.79 37.24
CA ALA B 45 -17.14 9.30 36.98
C ALA B 45 -17.60 8.99 35.56
N LEU B 46 -16.68 8.96 34.60
CA LEU B 46 -17.05 8.58 33.24
C LEU B 46 -17.39 7.11 33.13
N ALA B 47 -16.87 6.27 34.03
CA ALA B 47 -17.23 4.85 34.02
C ALA B 47 -18.57 4.60 34.70
N LYS B 48 -18.86 5.36 35.77
CA LYS B 48 -20.15 5.25 36.44
C LYS B 48 -20.42 6.58 37.14
N TRP B 49 -21.38 7.34 36.61
CA TRP B 49 -21.70 8.64 37.17
C TRP B 49 -22.60 8.50 38.39
N ALA B 50 -22.26 9.25 39.44
CA ALA B 50 -23.06 9.28 40.66
C ALA B 50 -24.15 10.34 40.49
N VAL B 51 -25.40 9.89 40.42
CA VAL B 51 -26.52 10.81 40.19
C VAL B 51 -26.65 11.76 41.36
N LYS B 52 -26.76 13.06 41.05
CA LYS B 52 -26.92 14.14 42.02
C LYS B 52 -25.75 14.28 42.98
N GLN B 53 -24.67 13.51 42.76
CA GLN B 53 -23.45 13.62 43.55
C GLN B 53 -22.21 13.87 42.71
N GLY B 54 -22.28 13.69 41.40
CA GLY B 54 -21.08 13.85 40.58
C GLY B 54 -20.50 15.24 40.66
N PHE B 55 -21.36 16.27 40.69
CA PHE B 55 -20.87 17.63 40.83
C PHE B 55 -20.30 17.89 42.22
N ALA B 56 -20.88 17.27 43.26
CA ALA B 56 -20.37 17.44 44.61
C ALA B 56 -18.98 16.84 44.76
N LYS B 57 -18.75 15.67 44.14
CA LYS B 57 -17.44 15.05 44.20
C LYS B 57 -16.44 15.74 43.29
N LEU B 58 -16.89 16.26 42.15
CA LEU B 58 -16.01 17.04 41.29
C LEU B 58 -15.62 18.35 41.95
N LYS B 59 -16.56 18.96 42.67
CA LYS B 59 -16.25 20.19 43.43
C LYS B 59 -15.23 19.91 44.52
N SER B 60 -15.28 18.72 45.13
CA SER B 60 -14.33 18.37 46.19
C SER B 60 -12.92 18.16 45.65
N GLU B 61 -12.76 17.94 44.34
CA GLU B 61 -11.45 17.77 43.74
C GLU B 61 -10.91 19.04 43.12
N ILE B 62 -11.77 19.89 42.56
CA ILE B 62 -11.31 21.15 41.99
C ILE B 62 -11.11 22.19 43.08
N PHE B 63 -12.01 22.24 44.06
CA PHE B 63 -11.90 23.12 45.22
C PHE B 63 -11.96 22.26 46.48
N PRO B 64 -10.86 21.60 46.85
CA PRO B 64 -10.88 20.75 48.05
C PRO B 64 -11.07 21.57 49.32
N GLY B 65 -11.98 21.11 50.17
CA GLY B 65 -12.27 21.82 51.41
C GLY B 65 -12.75 23.24 51.21
N ASN B 66 -13.36 23.53 50.05
CA ASN B 66 -13.85 24.86 49.73
C ASN B 66 -12.71 25.88 49.73
N THR B 67 -11.55 25.46 49.25
CA THR B 67 -10.37 26.31 49.16
C THR B 67 -9.86 26.37 47.73
N PRO B 68 -9.20 27.47 47.34
CA PRO B 68 -8.56 27.51 46.02
C PRO B 68 -7.15 26.95 46.05
N ALA B 69 -6.90 25.99 46.94
CA ALA B 69 -5.55 25.48 47.11
C ALA B 69 -5.08 24.69 45.90
N THR B 70 -5.96 23.87 45.32
CA THR B 70 -5.59 23.13 44.12
C THR B 70 -5.34 24.07 42.95
N MET B 71 -6.24 25.03 42.74
CA MET B 71 -6.07 26.00 41.65
C MET B 71 -4.80 26.82 41.84
N ASP B 72 -4.40 27.08 43.09
CA ASP B 72 -3.13 27.74 43.33
C ASP B 72 -1.96 26.81 43.01
N LYS B 73 -2.06 25.54 43.41
CA LYS B 73 -1.00 24.59 43.12
C LYS B 73 -0.88 24.34 41.62
N VAL B 74 -2.01 24.28 40.92
CA VAL B 74 -1.98 24.15 39.46
C VAL B 74 -1.30 25.36 38.84
N ARG B 75 -1.57 26.56 39.38
CA ARG B 75 -1.02 27.78 38.81
C ARG B 75 0.50 27.81 38.95
N ILE B 76 1.01 27.53 40.15
CA ILE B 76 2.44 27.64 40.38
C ILE B 76 3.21 26.55 39.63
N GLU B 77 2.59 25.38 39.41
CA GLU B 77 3.24 24.35 38.62
C GLU B 77 3.37 24.78 37.16
N VAL B 78 2.27 25.24 36.57
CA VAL B 78 2.31 25.67 35.17
C VAL B 78 3.17 26.92 35.02
N GLN B 79 3.16 27.80 36.02
CA GLN B 79 4.02 28.98 35.96
C GLN B 79 5.50 28.60 36.02
N THR B 80 5.85 27.54 36.76
CA THR B 80 7.22 27.07 36.78
C THR B 80 7.56 26.30 35.50
N LEU B 81 6.60 25.53 34.99
CA LEU B 81 6.86 24.71 33.81
C LEU B 81 6.99 25.55 32.55
N LEU B 82 6.20 26.62 32.44
CA LEU B 82 6.22 27.49 31.28
C LEU B 82 7.10 28.72 31.44
N ASP B 83 7.59 28.98 32.65
CA ASP B 83 8.36 30.18 32.98
C ASP B 83 7.56 31.46 32.73
N GLN B 84 6.24 31.35 32.64
CA GLN B 84 5.36 32.49 32.50
C GLN B 84 4.62 32.73 33.81
N ARG B 85 4.53 34.00 34.21
CA ARG B 85 3.93 34.36 35.48
C ARG B 85 2.78 35.33 35.27
N LEU B 86 1.74 35.20 36.08
CA LEU B 86 0.63 36.14 36.06
C LEU B 86 0.95 37.37 36.92
N GLN B 87 0.36 38.49 36.55
CA GLN B 87 0.55 39.72 37.32
C GLN B 87 -0.05 39.58 38.71
N ASP B 88 0.53 40.32 39.67
CA ASP B 88 0.05 40.25 41.04
C ASP B 88 -1.41 40.69 41.13
N ASP B 89 -1.78 41.73 40.39
CA ASP B 89 -3.17 42.18 40.40
C ASP B 89 -4.10 41.13 39.83
N ARG B 90 -3.69 40.46 38.75
CA ARG B 90 -4.54 39.45 38.14
C ARG B 90 -4.67 38.21 39.01
N VAL B 91 -3.68 37.95 39.87
CA VAL B 91 -3.77 36.81 40.78
C VAL B 91 -4.84 37.06 41.84
N LYS B 92 -4.84 38.25 42.43
CA LYS B 92 -5.85 38.59 43.42
C LYS B 92 -7.24 38.69 42.80
N ILE B 93 -7.32 39.03 41.51
CA ILE B 93 -8.60 39.01 40.82
C ILE B 93 -9.13 37.58 40.73
N LEU B 94 -8.29 36.66 40.26
CA LEU B 94 -8.68 35.25 40.18
C LEU B 94 -8.99 34.69 41.56
N GLU B 95 -8.29 35.15 42.60
CA GLU B 95 -8.60 34.74 43.96
C GLU B 95 -10.03 35.11 44.33
N GLY B 96 -10.46 36.32 43.96
CA GLY B 96 -11.83 36.71 44.23
C GLY B 96 -12.84 35.93 43.42
N GLU B 97 -12.51 35.65 42.16
CA GLU B 97 -13.40 34.83 41.33
C GLU B 97 -13.52 33.41 41.89
N TYR B 98 -12.42 32.89 42.46
CA TYR B 98 -12.47 31.58 43.08
C TYR B 98 -13.39 31.59 44.31
N LYS B 99 -13.24 32.60 45.16
CA LYS B 99 -14.10 32.69 46.34
C LYS B 99 -15.57 32.80 45.95
N GLY B 100 -15.87 33.58 44.90
CA GLY B 100 -17.24 33.67 44.44
C GLY B 100 -17.78 32.35 43.93
N ILE B 101 -16.95 31.60 43.19
CA ILE B 101 -17.35 30.28 42.72
C ILE B 101 -17.50 29.32 43.89
N ILE B 102 -16.57 29.40 44.85
CA ILE B 102 -16.62 28.48 46.00
C ILE B 102 -17.82 28.78 46.87
N ASP B 103 -18.08 30.05 47.16
CA ASP B 103 -19.18 30.41 48.05
C ASP B 103 -20.53 29.99 47.46
N VAL B 104 -20.76 30.28 46.19
CA VAL B 104 -22.06 29.98 45.58
C VAL B 104 -22.22 28.47 45.37
N SER B 105 -21.13 27.76 45.07
CA SER B 105 -21.23 26.32 44.88
C SER B 105 -21.46 25.59 46.20
N LYS B 106 -20.90 26.10 47.30
CA LYS B 106 -21.09 25.44 48.59
C LYS B 106 -22.52 25.61 49.09
N VAL B 107 -23.12 26.79 48.88
CA VAL B 107 -24.49 27.04 49.32
C VAL B 107 -25.44 26.07 48.62
N PHE B 108 -25.29 25.92 47.31
CA PHE B 108 -26.13 24.99 46.56
C PHE B 108 -25.84 23.54 46.96
N THR B 109 -24.58 23.23 47.28
CA THR B 109 -24.24 21.86 47.67
C THR B 109 -24.79 21.52 49.04
N ASP B 110 -24.62 22.42 50.01
CA ASP B 110 -25.09 22.15 51.36
C ASP B 110 -26.61 22.04 51.43
N TYR B 111 -27.33 22.76 50.57
CA TYR B 111 -28.79 22.75 50.66
C TYR B 111 -29.37 21.47 50.07
N VAL B 112 -28.85 21.01 48.93
CA VAL B 112 -29.38 19.79 48.32
C VAL B 112 -28.93 18.54 49.06
N ASN B 113 -27.85 18.61 49.85
CA ASN B 113 -27.36 17.48 50.62
C ASN B 113 -28.03 17.38 51.98
N GLN B 114 -29.26 17.85 52.10
CA GLN B 114 -30.05 17.69 53.32
C GLN B 114 -31.02 16.51 53.17
N SER B 115 -31.68 16.18 54.27
CA SER B 115 -32.67 15.10 54.23
C SER B 115 -33.92 15.54 53.49
N LYS B 116 -34.35 16.78 53.68
CA LYS B 116 -35.51 17.33 53.00
C LYS B 116 -35.25 18.77 52.63
N PHE B 117 -35.54 19.12 51.38
CA PHE B 117 -35.32 20.48 50.88
C PHE B 117 -36.43 20.83 49.90
N GLU B 118 -36.72 22.13 49.80
CA GLU B 118 -37.71 22.61 48.86
C GLU B 118 -37.09 22.65 47.46
N THR B 119 -37.70 21.91 46.52
CA THR B 119 -37.13 21.81 45.18
C THR B 119 -37.12 23.14 44.46
N GLY B 120 -38.06 24.03 44.78
CA GLY B 120 -38.08 25.35 44.16
C GLY B 120 -36.90 26.22 44.60
N THR B 121 -36.45 26.03 45.84
CA THR B 121 -35.29 26.79 46.32
C THR B 121 -33.99 26.26 45.73
N ALA B 122 -33.88 24.93 45.61
CA ALA B 122 -32.70 24.36 44.97
C ALA B 122 -32.57 24.79 43.52
N ASN B 123 -33.71 24.99 42.84
CA ASN B 123 -33.67 25.49 41.47
C ASN B 123 -33.09 26.90 41.42
N ARG B 124 -33.46 27.75 42.39
CA ARG B 124 -32.94 29.11 42.43
C ARG B 124 -31.44 29.13 42.73
N LEU B 125 -31.01 28.35 43.71
CA LEU B 125 -29.59 28.32 44.07
C LEU B 125 -28.76 27.65 42.98
N PHE B 126 -29.36 26.74 42.20
CA PHE B 126 -28.66 26.16 41.07
C PHE B 126 -28.30 27.22 40.04
N PHE B 127 -29.29 28.02 39.63
CA PHE B 127 -29.03 29.05 38.62
C PHE B 127 -28.10 30.13 39.16
N ASP B 128 -28.06 30.31 40.49
CA ASP B 128 -27.06 31.19 41.08
C ASP B 128 -25.65 30.66 40.86
N THR B 129 -25.48 29.34 40.85
CA THR B 129 -24.17 28.74 40.59
C THR B 129 -23.92 28.61 39.09
N SER B 130 -24.94 28.21 38.33
CA SER B 130 -24.77 28.03 36.89
C SER B 130 -24.40 29.35 36.21
N ASN B 131 -25.09 30.43 36.58
CA ASN B 131 -24.80 31.73 35.98
C ASN B 131 -23.61 32.42 36.63
N GLN B 132 -23.16 31.96 37.80
CA GLN B 132 -21.94 32.52 38.39
C GLN B 132 -20.72 32.13 37.56
N LEU B 133 -20.69 30.89 37.06
CA LEU B 133 -19.58 30.43 36.24
C LEU B 133 -19.63 31.04 34.84
N ILE B 134 -20.82 31.15 34.25
CA ILE B 134 -20.94 31.69 32.90
C ILE B 134 -20.48 33.14 32.84
N SER B 135 -20.73 33.91 33.90
CA SER B 135 -20.31 35.31 33.95
C SER B 135 -18.86 35.47 34.38
N ARG B 136 -18.34 34.58 35.20
CA ARG B 136 -16.95 34.67 35.67
C ARG B 136 -15.97 33.89 34.80
N LEU B 137 -16.45 33.08 33.87
CA LEU B 137 -15.54 32.29 33.03
C LEU B 137 -14.58 33.14 32.20
N PRO B 138 -15.02 34.23 31.53
CA PRO B 138 -14.06 35.02 30.74
C PRO B 138 -12.92 35.61 31.55
N GLN B 139 -13.01 35.61 32.89
CA GLN B 139 -11.90 36.07 33.71
C GLN B 139 -10.69 35.14 33.61
N PHE B 140 -10.87 33.92 33.12
CA PHE B 140 -9.79 32.97 32.93
C PHE B 140 -9.30 32.91 31.48
N GLU B 141 -9.94 33.64 30.58
CA GLU B 141 -9.44 33.80 29.22
C GLU B 141 -8.59 35.07 29.13
N ILE B 142 -7.56 35.10 29.96
CA ILE B 142 -6.76 36.30 30.15
C ILE B 142 -5.99 36.62 28.88
N ALA B 143 -6.18 37.84 28.38
CA ALA B 143 -5.47 38.28 27.18
C ALA B 143 -4.00 38.51 27.49
N GLY B 144 -3.13 38.04 26.61
CA GLY B 144 -1.70 38.14 26.81
C GLY B 144 -1.12 37.19 27.83
N TYR B 145 -1.94 36.31 28.42
CA TYR B 145 -1.47 35.35 29.40
C TYR B 145 -2.19 34.01 29.26
N GLU B 146 -2.68 33.70 28.07
CA GLU B 146 -3.42 32.46 27.87
C GLU B 146 -2.54 31.22 27.96
N GLY B 147 -1.22 31.38 28.00
CA GLY B 147 -0.37 30.22 28.21
C GLY B 147 -0.53 29.62 29.60
N VAL B 148 -0.64 30.46 30.61
CA VAL B 148 -0.87 30.00 31.97
C VAL B 148 -2.35 29.79 32.26
N SER B 149 -3.21 30.66 31.75
CA SER B 149 -4.62 30.62 32.08
C SER B 149 -5.38 29.49 31.38
N ILE B 150 -4.77 28.82 30.41
CA ILE B 150 -5.47 27.74 29.73
C ILE B 150 -5.68 26.55 30.68
N SER B 151 -4.75 26.32 31.61
CA SER B 151 -4.93 25.24 32.57
C SER B 151 -5.97 25.59 33.63
N LEU B 152 -6.09 26.88 33.97
CA LEU B 152 -7.14 27.29 34.90
C LEU B 152 -8.50 27.35 34.22
N PHE B 153 -8.54 27.85 32.99
CA PHE B 153 -9.78 27.85 32.22
C PHE B 153 -10.27 26.43 31.96
N THR B 154 -9.37 25.45 31.96
CA THR B 154 -9.77 24.07 31.72
C THR B 154 -10.57 23.50 32.88
N GLN B 155 -10.21 23.86 34.11
CA GLN B 155 -10.90 23.33 35.28
C GLN B 155 -12.24 24.02 35.52
N MET B 156 -12.34 25.31 35.18
CA MET B 156 -13.61 26.02 35.37
C MET B 156 -14.67 25.52 34.41
N CYS B 157 -14.28 25.15 33.19
CA CYS B 157 -15.23 24.57 32.25
C CYS B 157 -15.60 23.15 32.64
N THR B 158 -14.66 22.42 33.25
CA THR B 158 -14.99 21.12 33.81
C THR B 158 -15.94 21.26 34.99
N PHE B 159 -15.77 22.33 35.78
CA PHE B 159 -16.62 22.57 36.94
C PHE B 159 -18.04 22.93 36.54
N HIS B 160 -18.21 23.61 35.40
CA HIS B 160 -19.55 24.02 34.98
C HIS B 160 -20.26 22.91 34.21
N LEU B 161 -19.55 22.20 33.33
CA LEU B 161 -20.16 21.09 32.63
C LEU B 161 -20.55 19.97 33.59
N GLY B 162 -19.80 19.78 34.67
CA GLY B 162 -20.19 18.82 35.68
C GLY B 162 -21.43 19.25 36.44
N LEU B 163 -21.61 20.56 36.62
CA LEU B 163 -22.84 21.05 37.25
C LEU B 163 -24.04 20.87 36.33
N LEU B 164 -23.86 21.11 35.03
CA LEU B 164 -24.98 20.98 34.11
C LEU B 164 -25.41 19.53 33.93
N LYS B 165 -24.47 18.58 34.05
CA LYS B 165 -24.84 17.18 33.93
C LYS B 165 -25.66 16.72 35.13
N ASP B 166 -25.25 17.11 36.34
CA ASP B 166 -26.01 16.76 37.53
C ASP B 166 -27.38 17.45 37.54
N GLY B 167 -27.48 18.62 36.93
CA GLY B 167 -28.77 19.30 36.85
C GLY B 167 -29.75 18.62 35.91
N ILE B 168 -29.23 18.02 34.83
CA ILE B 168 -30.10 17.31 33.89
C ILE B 168 -30.59 16.01 34.50
N LEU B 169 -29.69 15.27 35.16
CA LEU B 169 -30.05 13.97 35.73
C LEU B 169 -30.91 14.11 36.98
N ALA B 170 -30.91 15.27 37.62
CA ALA B 170 -31.79 15.49 38.76
C ALA B 170 -33.20 15.87 38.30
N GLY B 171 -33.29 16.86 37.42
CA GLY B 171 -34.56 17.28 36.87
C GLY B 171 -35.56 17.75 37.91
N SER B 172 -36.63 16.98 38.12
CA SER B 172 -37.65 17.36 39.08
C SER B 172 -37.12 17.37 40.51
N ASP B 173 -36.06 16.61 40.79
CA ASP B 173 -35.52 16.58 42.14
C ASP B 173 -34.90 17.91 42.55
N TRP B 174 -34.46 18.71 41.57
CA TRP B 174 -33.87 20.02 41.83
C TRP B 174 -34.73 21.16 41.31
N GLY B 175 -35.97 20.88 40.93
CA GLY B 175 -36.88 21.92 40.48
C GLY B 175 -36.84 22.24 39.01
N PHE B 176 -36.53 21.26 38.16
CA PHE B 176 -36.48 21.46 36.72
C PHE B 176 -37.66 20.74 36.08
N ALA B 177 -38.55 21.52 35.46
CA ALA B 177 -39.62 20.95 34.67
C ALA B 177 -39.04 20.29 33.42
N PRO B 178 -39.81 19.44 32.75
CA PRO B 178 -39.33 18.86 31.48
C PRO B 178 -38.87 19.91 30.46
N ALA B 179 -39.47 21.10 30.49
CA ALA B 179 -38.98 22.18 29.64
C ALA B 179 -37.71 22.81 30.21
N ASP B 180 -37.63 22.93 31.54
CA ASP B 180 -36.40 23.39 32.17
C ASP B 180 -35.28 22.37 32.00
N LYS B 181 -35.62 21.08 31.97
CA LYS B 181 -34.60 20.05 31.76
C LYS B 181 -34.01 20.13 30.36
N ASP B 182 -34.84 20.41 29.36
CA ASP B 182 -34.34 20.52 27.99
C ASP B 182 -33.52 21.79 27.78
N ALA B 183 -33.82 22.84 28.55
CA ALA B 183 -33.01 24.06 28.47
C ALA B 183 -31.60 23.83 29.00
N LEU B 184 -31.46 22.92 29.98
CA LEU B 184 -30.13 22.57 30.48
C LEU B 184 -29.40 21.67 29.49
N ILE B 185 -30.12 20.75 28.84
CA ILE B 185 -29.51 19.90 27.82
C ILE B 185 -29.00 20.75 26.66
N CYS B 186 -29.77 21.78 26.30
CA CYS B 186 -29.33 22.67 25.23
C CYS B 186 -28.10 23.47 25.62
N GLN B 187 -28.02 23.89 26.89
CA GLN B 187 -26.81 24.56 27.36
C GLN B 187 -25.62 23.61 27.39
N PHE B 188 -25.86 22.35 27.74
CA PHE B 188 -24.78 21.37 27.79
C PHE B 188 -24.18 21.15 26.41
N ASN B 189 -25.04 20.90 25.42
CA ASN B 189 -24.55 20.65 24.06
C ASN B 189 -23.92 21.90 23.46
N ARG B 190 -24.36 23.09 23.87
CA ARG B 190 -23.73 24.32 23.41
C ARG B 190 -22.38 24.53 24.08
N PHE B 191 -22.33 24.35 25.40
CA PHE B 191 -21.10 24.62 26.13
C PHE B 191 -20.06 23.52 25.96
N VAL B 192 -20.49 22.28 25.67
CA VAL B 192 -19.52 21.22 25.44
C VAL B 192 -18.74 21.46 24.15
N ASN B 193 -19.30 22.22 23.21
CA ASN B 193 -18.58 22.62 22.00
C ASN B 193 -18.02 24.03 22.09
N GLU B 194 -18.70 24.93 22.79
CA GLU B 194 -18.19 26.29 22.92
C GLU B 194 -16.95 26.34 23.81
N TYR B 195 -16.98 25.60 24.93
CA TYR B 195 -15.79 25.54 25.78
C TYR B 195 -14.63 24.85 25.07
N ASN B 196 -14.93 23.88 24.21
CA ASN B 196 -13.87 23.24 23.43
C ASN B 196 -13.27 24.21 22.42
N THR B 197 -14.12 24.98 21.72
CA THR B 197 -13.62 25.96 20.77
C THR B 197 -12.84 27.07 21.48
N ARG B 198 -13.37 27.56 22.60
CA ARG B 198 -12.67 28.60 23.36
C ARG B 198 -11.38 28.07 23.97
N LEU B 199 -11.32 26.76 24.25
CA LEU B 199 -10.07 26.17 24.72
C LEU B 199 -9.02 26.15 23.61
N MET B 200 -9.41 25.73 22.41
CA MET B 200 -8.48 25.68 21.30
C MET B 200 -8.02 27.08 20.89
N VAL B 201 -8.85 28.10 21.13
CA VAL B 201 -8.44 29.46 20.84
C VAL B 201 -7.28 29.87 21.74
N LEU B 202 -7.37 29.55 23.03
CA LEU B 202 -6.26 29.85 23.94
C LEU B 202 -5.03 29.02 23.59
N TYR B 203 -5.23 27.78 23.15
CA TYR B 203 -4.11 26.91 22.80
C TYR B 203 -3.41 27.39 21.54
N SER B 204 -4.18 27.65 20.48
CA SER B 204 -3.59 28.04 19.20
C SER B 204 -2.88 29.39 19.31
N LYS B 205 -3.45 30.32 20.07
CA LYS B 205 -2.80 31.62 20.26
C LYS B 205 -1.40 31.45 20.85
N GLU B 206 -1.26 30.57 21.84
CA GLU B 206 0.03 30.45 22.52
C GLU B 206 0.97 29.49 21.80
N PHE B 207 0.44 28.35 21.34
CA PHE B 207 1.28 27.42 20.58
C PHE B 207 1.74 28.05 19.27
N GLY B 208 0.91 28.88 18.65
CA GLY B 208 1.34 29.58 17.46
C GLY B 208 2.35 30.68 17.76
N ARG B 209 2.21 31.34 18.90
CA ARG B 209 3.17 32.37 19.29
C ARG B 209 4.53 31.76 19.57
N LEU B 210 4.57 30.60 20.24
CA LEU B 210 5.83 30.00 20.63
C LEU B 210 6.51 29.27 19.47
N LEU B 211 5.74 28.79 18.50
CA LEU B 211 6.33 28.18 17.31
C LEU B 211 7.19 29.19 16.56
N ALA B 212 6.78 30.45 16.54
CA ALA B 212 7.57 31.51 15.91
C ALA B 212 8.64 32.05 16.84
N LYS B 213 8.54 31.79 18.14
CA LYS B 213 9.52 32.29 19.10
C LYS B 213 10.64 31.29 19.35
N ASN B 214 10.29 30.06 19.71
CA ASN B 214 11.30 29.03 20.00
C ASN B 214 10.63 27.67 19.93
N LEU B 215 11.16 26.77 19.11
CA LEU B 215 10.54 25.47 18.91
C LEU B 215 10.61 24.63 20.18
N ASN B 216 11.74 24.68 20.90
CA ASN B 216 11.83 23.99 22.17
C ASN B 216 10.83 24.53 23.17
N GLU B 217 10.60 25.85 23.15
CA GLU B 217 9.61 26.45 24.02
C GLU B 217 8.19 26.08 23.58
N ALA B 218 7.97 25.99 22.27
CA ALA B 218 6.64 25.61 21.77
C ALA B 218 6.32 24.17 22.12
N LEU B 219 7.31 23.29 22.10
CA LEU B 219 7.09 21.92 22.53
C LEU B 219 6.79 21.86 24.02
N ASN B 220 7.47 22.70 24.82
CA ASN B 220 7.27 22.70 26.26
C ASN B 220 5.84 23.11 26.62
N PHE B 221 5.26 24.03 25.85
CA PHE B 221 3.88 24.41 26.10
C PHE B 221 2.91 23.29 25.72
N ARG B 222 3.20 22.59 24.61
CA ARG B 222 2.36 21.47 24.22
C ARG B 222 2.45 20.32 25.22
N ASN B 223 3.62 20.11 25.81
CA ASN B 223 3.76 19.09 26.84
C ASN B 223 2.91 19.42 28.06
N MET B 224 2.86 20.70 28.44
CA MET B 224 2.03 21.12 29.56
C MET B 224 0.55 20.91 29.24
N CYS B 225 0.13 21.24 28.02
CA CYS B 225 -1.27 21.06 27.64
C CYS B 225 -1.63 19.58 27.52
N SER B 226 -0.67 18.73 27.19
CA SER B 226 -0.94 17.30 27.08
C SER B 226 -1.24 16.67 28.45
N LEU B 227 -0.87 17.34 29.54
CA LEU B 227 -1.09 16.83 30.88
C LEU B 227 -2.09 17.64 31.69
N TYR B 228 -2.17 18.96 31.47
CA TYR B 228 -3.04 19.82 32.26
C TYR B 228 -4.32 20.23 31.55
N VAL B 229 -4.40 20.07 30.23
CA VAL B 229 -5.49 20.63 29.46
C VAL B 229 -6.24 19.54 28.68
N PHE B 230 -5.52 18.83 27.82
CA PHE B 230 -6.11 17.93 26.85
C PHE B 230 -6.75 16.67 27.42
N PRO B 231 -6.26 16.11 28.54
CA PRO B 231 -7.02 15.01 29.16
C PRO B 231 -8.43 15.42 29.58
N PHE B 232 -8.64 16.68 29.94
CA PHE B 232 -9.95 17.13 30.38
C PHE B 232 -10.87 17.53 29.24
N SER B 233 -10.30 18.02 28.13
CA SER B 233 -11.12 18.27 26.95
C SER B 233 -11.65 16.98 26.35
N GLU B 234 -10.91 15.87 26.52
CA GLU B 234 -11.44 14.58 26.13
C GLU B 234 -12.54 14.13 27.09
N ALA B 235 -12.38 14.41 28.38
CA ALA B 235 -13.43 14.08 29.35
C ALA B 235 -14.73 14.80 29.01
N TRP B 236 -14.64 16.00 28.44
CA TRP B 236 -15.84 16.73 28.05
C TRP B 236 -16.61 15.97 26.96
N SER B 237 -15.89 15.45 25.96
CA SER B 237 -16.53 14.69 24.90
C SER B 237 -17.08 13.35 25.40
N LEU B 238 -16.59 12.86 26.54
CA LEU B 238 -17.08 11.64 27.13
C LEU B 238 -18.05 11.88 28.29
N LEU B 239 -18.18 13.12 28.75
CA LEU B 239 -19.12 13.45 29.81
C LEU B 239 -20.58 13.23 29.40
N ARG B 240 -20.85 13.01 28.12
CA ARG B 240 -22.20 12.78 27.67
C ARG B 240 -22.70 11.39 28.04
N TYR B 241 -21.79 10.42 28.17
CA TYR B 241 -22.16 9.03 28.34
C TYR B 241 -21.77 8.54 29.74
N GLU B 242 -21.78 7.22 29.91
CA GLU B 242 -21.39 6.56 31.14
C GLU B 242 -20.92 5.16 30.78
N GLY B 243 -19.74 4.79 31.28
CA GLY B 243 -19.19 3.46 31.03
C GLY B 243 -18.05 3.41 30.03
N THR B 244 -17.54 4.55 29.58
CA THR B 244 -16.41 4.58 28.67
C THR B 244 -15.11 4.66 29.48
N LYS B 245 -13.99 4.81 28.79
CA LYS B 245 -12.68 4.88 29.42
C LYS B 245 -11.99 6.18 29.03
N LEU B 246 -11.58 6.96 30.02
CA LEU B 246 -10.79 8.16 29.80
C LEU B 246 -9.33 7.74 29.62
N GLU B 247 -8.80 7.94 28.41
CA GLU B 247 -7.45 7.50 28.07
C GLU B 247 -6.73 8.62 27.35
N ASN B 248 -5.48 8.87 27.75
CA ASN B 248 -4.64 9.91 27.16
C ASN B 248 -3.42 9.23 26.55
N THR B 249 -3.29 9.31 25.22
CA THR B 249 -2.17 8.73 24.50
C THR B 249 -1.32 9.78 23.81
N LEU B 250 -1.43 11.04 24.22
CA LEU B 250 -0.55 12.08 23.70
C LEU B 250 0.89 11.83 24.09
N SER B 251 1.81 12.34 23.28
CA SER B 251 3.23 12.16 23.49
C SER B 251 3.89 13.45 23.96
N LEU B 252 4.99 13.30 24.69
CA LEU B 252 5.79 14.41 25.14
C LEU B 252 7.06 14.48 24.31
N TRP B 253 7.51 15.71 24.02
CA TRP B 253 8.62 15.93 23.11
C TRP B 253 9.67 16.81 23.77
N ASN B 254 10.92 16.35 23.75
CA ASN B 254 12.06 17.13 24.24
C ASN B 254 12.93 17.53 23.07
N PHE B 255 13.49 18.74 23.14
CA PHE B 255 14.28 19.31 22.07
C PHE B 255 15.70 19.56 22.56
N VAL B 256 16.68 19.06 21.80
CA VAL B 256 18.10 19.23 22.11
C VAL B 256 18.80 19.67 20.84
N GLY B 257 19.41 20.85 20.87
CA GLY B 257 20.14 21.34 19.73
C GLY B 257 20.07 22.86 19.68
N GLU B 258 20.43 23.40 18.51
CA GLU B 258 20.38 24.84 18.30
C GLU B 258 18.94 25.31 18.15
N SER B 259 18.72 26.57 18.49
CA SER B 259 17.36 27.11 18.52
C SER B 259 16.77 27.18 17.11
N ILE B 260 15.46 26.94 17.02
CA ILE B 260 14.71 27.05 15.78
C ILE B 260 13.47 27.87 16.07
N ASN B 261 13.18 28.84 15.20
CA ASN B 261 12.05 29.73 15.40
C ASN B 261 11.38 30.02 14.06
N ASN B 262 10.43 30.95 14.08
CA ASN B 262 9.68 31.37 12.89
C ASN B 262 8.98 30.19 12.22
N ILE B 263 8.46 29.28 13.03
CA ILE B 263 7.67 28.16 12.54
C ILE B 263 6.20 28.57 12.55
N SER B 264 5.51 28.37 11.41
CA SER B 264 4.09 28.70 11.40
C SER B 264 3.26 27.49 11.79
N PRO B 265 2.04 27.70 12.30
CA PRO B 265 1.17 26.56 12.61
C PRO B 265 0.84 25.71 11.39
N ASN B 266 0.86 26.28 10.19
CA ASN B 266 0.66 25.47 8.99
C ASN B 266 1.86 24.56 8.74
N ASP B 267 3.07 25.07 8.99
CA ASP B 267 4.26 24.23 8.84
C ASP B 267 4.26 23.08 9.84
N TRP B 268 3.76 23.33 11.06
CA TRP B 268 3.66 22.26 12.05
C TRP B 268 2.62 21.23 11.64
N LYS B 269 1.45 21.68 11.17
CA LYS B 269 0.37 20.75 10.86
C LYS B 269 0.71 19.87 9.67
N GLY B 270 1.22 20.46 8.60
CA GLY B 270 1.44 19.76 7.35
C GLY B 270 2.83 19.25 7.08
N ALA B 271 3.75 19.36 8.04
CA ALA B 271 5.12 18.92 7.79
C ALA B 271 5.83 18.46 9.05
N LEU B 272 6.12 19.38 9.96
CA LEU B 272 7.01 19.08 11.08
C LEU B 272 6.46 17.97 11.96
N TYR B 273 5.19 18.07 12.35
CA TYR B 273 4.60 17.04 13.21
C TYR B 273 4.55 15.69 12.52
N LYS B 274 4.43 15.68 11.19
CA LYS B 274 4.46 14.43 10.45
C LYS B 274 5.84 13.78 10.55
N LEU B 275 6.90 14.60 10.45
CA LEU B 275 8.26 14.05 10.56
C LEU B 275 8.54 13.55 11.96
N LEU B 276 8.00 14.23 12.98
CA LEU B 276 8.24 13.82 14.36
C LEU B 276 7.58 12.48 14.65
N MET B 277 6.36 12.27 14.15
CA MET B 277 5.66 11.01 14.42
C MET B 277 6.32 9.85 13.69
N GLY B 278 6.86 10.08 12.50
CA GLY B 278 7.46 8.99 11.74
C GLY B 278 6.39 7.98 11.35
N ALA B 279 6.62 6.73 11.73
CA ALA B 279 5.60 5.70 11.59
C ALA B 279 4.75 5.69 12.85
N PRO B 280 3.53 6.24 12.80
CA PRO B 280 2.75 6.40 14.03
C PRO B 280 2.25 5.09 14.63
N ASN B 281 2.32 3.99 13.90
CA ASN B 281 1.82 2.70 14.38
C ASN B 281 2.93 1.71 14.68
N GLN B 282 4.19 2.14 14.67
CA GLN B 282 5.31 1.25 14.87
C GLN B 282 6.23 1.78 15.97
N ARG B 283 6.95 0.87 16.61
CA ARG B 283 7.95 1.24 17.60
C ARG B 283 9.27 1.55 16.91
N LEU B 284 10.15 2.22 17.65
CA LEU B 284 11.47 2.55 17.11
C LEU B 284 12.35 1.30 17.09
N ASN B 285 13.05 1.10 15.96
CA ASN B 285 14.00 0.01 15.82
C ASN B 285 15.45 0.50 15.86
N ASN B 286 15.77 1.56 15.11
CA ASN B 286 17.09 2.17 15.17
C ASN B 286 16.98 3.58 14.61
N VAL B 287 17.86 4.45 15.09
CA VAL B 287 17.95 5.82 14.62
C VAL B 287 19.39 6.09 14.22
N LYS B 288 19.57 6.78 13.10
CA LYS B 288 20.89 7.06 12.55
C LYS B 288 21.13 8.57 12.51
N PHE B 289 22.37 8.96 12.76
CA PHE B 289 22.75 10.36 12.84
C PHE B 289 23.88 10.65 11.86
N ASN B 290 23.74 11.72 11.08
CA ASN B 290 24.77 12.17 10.17
C ASN B 290 25.73 13.07 10.95
N TYR B 291 26.85 12.50 11.39
CA TYR B 291 27.78 13.15 12.28
C TYR B 291 29.03 13.59 11.54
N SER B 292 29.52 14.78 11.85
CA SER B 292 30.74 15.32 11.25
C SER B 292 31.54 16.05 12.31
N TYR B 293 32.84 15.76 12.38
CA TYR B 293 33.75 16.39 13.32
C TYR B 293 34.82 17.15 12.56
N PHE B 294 35.19 18.33 13.07
CA PHE B 294 36.17 19.19 12.44
C PHE B 294 37.16 19.69 13.47
N SER B 295 38.43 19.72 13.07
CA SER B 295 39.50 20.19 13.94
C SER B 295 40.54 20.91 13.10
N ASP B 296 41.00 22.06 13.60
CA ASP B 296 41.92 22.91 12.84
C ASP B 296 43.36 22.43 13.03
N THR B 297 44.29 23.09 12.34
CA THR B 297 45.68 22.68 12.37
C THR B 297 46.38 23.07 13.67
N GLN B 298 45.86 24.06 14.39
CA GLN B 298 46.42 24.46 15.67
C GLN B 298 45.82 23.73 16.85
N ALA B 299 44.93 22.77 16.60
CA ALA B 299 44.26 21.99 17.65
C ALA B 299 43.51 22.87 18.63
N THR B 300 42.99 24.00 18.15
CA THR B 300 42.22 24.91 19.00
C THR B 300 40.72 24.87 18.73
N ILE B 301 40.31 24.41 17.56
CA ILE B 301 38.90 24.38 17.17
C ILE B 301 38.44 22.93 17.15
N HIS B 302 37.28 22.67 17.77
CA HIS B 302 36.66 21.35 17.76
C HIS B 302 35.15 21.55 17.61
N ARG B 303 34.62 21.24 16.43
CA ARG B 303 33.22 21.48 16.12
C ARG B 303 32.57 20.18 15.63
N GLU B 304 31.63 19.67 16.42
CA GLU B 304 30.82 18.52 16.03
C GLU B 304 29.43 19.00 15.63
N ASN B 305 28.86 18.38 14.60
CA ASN B 305 27.56 18.77 14.08
C ASN B 305 26.74 17.53 13.75
N ILE B 306 25.42 17.67 13.88
CA ILE B 306 24.46 16.65 13.47
C ILE B 306 23.73 17.19 12.25
N HIS B 307 23.98 16.57 11.09
CA HIS B 307 23.42 17.06 9.84
C HIS B 307 22.14 16.37 9.43
N GLY B 308 21.82 15.23 10.04
CA GLY B 308 20.62 14.51 9.67
C GLY B 308 20.27 13.46 10.69
N VAL B 309 18.98 13.11 10.72
CA VAL B 309 18.47 12.07 11.60
C VAL B 309 17.61 11.13 10.77
N LEU B 310 17.92 9.84 10.82
CA LEU B 310 17.19 8.82 10.06
C LEU B 310 16.56 7.82 11.02
N PRO B 311 15.27 7.94 11.31
CA PRO B 311 14.63 6.96 12.20
C PRO B 311 13.96 5.84 11.44
N THR B 312 14.32 4.60 11.76
CA THR B 312 13.74 3.41 11.15
C THR B 312 12.87 2.71 12.19
N TYR B 313 11.59 2.55 11.86
CA TYR B 313 10.64 1.94 12.77
C TYR B 313 10.44 0.47 12.44
N ASN B 314 9.64 -0.21 13.25
CA ASN B 314 9.59 -1.67 13.23
C ASN B 314 8.82 -2.24 12.04
N GLY B 315 8.21 -1.39 11.21
CA GLY B 315 7.47 -1.91 10.07
C GLY B 315 6.80 -0.79 9.32
N GLY B 316 5.98 -1.19 8.34
CA GLY B 316 5.24 -0.26 7.53
C GLY B 316 3.90 0.09 8.15
N PRO B 317 2.97 0.58 7.33
CA PRO B 317 3.08 0.85 5.89
C PRO B 317 3.76 2.17 5.59
N THR B 318 4.32 2.83 6.60
CA THR B 318 5.01 4.09 6.43
C THR B 318 6.47 3.84 6.09
N ILE B 319 6.99 4.57 5.11
CA ILE B 319 8.39 4.48 4.69
C ILE B 319 9.07 5.78 5.10
N THR B 320 10.10 5.66 5.95
CA THR B 320 10.78 6.82 6.52
C THR B 320 12.03 7.16 5.72
N GLY B 321 12.41 8.43 5.78
CA GLY B 321 13.60 8.91 5.09
C GLY B 321 14.44 9.82 5.94
N TRP B 322 15.44 10.46 5.34
CA TRP B 322 16.33 11.34 6.09
C TRP B 322 15.63 12.66 6.41
N ILE B 323 15.74 13.09 7.66
CA ILE B 323 15.38 14.44 8.07
C ILE B 323 16.69 15.22 8.15
N GLY B 324 16.91 16.09 7.16
CA GLY B 324 18.20 16.71 6.98
C GLY B 324 18.90 16.12 5.76
N ASN B 325 20.05 15.48 5.97
CA ASN B 325 20.70 14.74 4.88
C ASN B 325 21.59 13.66 5.47
N GLY B 326 21.87 12.66 4.65
CA GLY B 326 22.82 11.63 5.02
C GLY B 326 24.11 11.80 4.25
N ARG B 327 24.30 12.98 3.67
CA ARG B 327 25.45 13.25 2.81
C ARG B 327 26.66 13.65 3.64
N PHE B 328 27.84 13.28 3.14
CA PHE B 328 29.11 13.73 3.71
C PHE B 328 29.58 14.91 2.86
N SER B 329 29.34 16.12 3.37
CA SER B 329 29.67 17.32 2.62
C SER B 329 31.14 17.70 2.78
N GLU B 340 27.66 3.34 -0.66
CA GLU B 340 27.43 4.20 0.50
C GLU B 340 28.53 4.06 1.54
N ILE B 341 29.09 5.18 1.95
CA ILE B 341 30.22 5.21 2.89
C ILE B 341 29.67 5.30 4.31
N THR B 342 30.14 4.41 5.18
CA THR B 342 29.72 4.42 6.58
C THR B 342 30.48 5.46 7.38
N LYS B 343 31.81 5.44 7.31
CA LYS B 343 32.65 6.37 8.04
C LYS B 343 33.89 6.67 7.22
N ILE B 344 34.37 7.91 7.32
CA ILE B 344 35.59 8.31 6.62
C ILE B 344 36.37 9.26 7.52
N LYS B 345 37.60 8.87 7.86
CA LYS B 345 38.51 9.69 8.64
C LYS B 345 39.48 10.40 7.72
N GLN B 346 40.03 11.51 8.20
CA GLN B 346 40.96 12.31 7.42
C GLN B 346 41.92 13.04 8.35
N GLU B 347 43.21 12.89 8.10
CA GLU B 347 44.25 13.64 8.79
C GLU B 347 45.11 14.33 7.74
N ILE B 348 45.20 15.65 7.82
CA ILE B 348 45.90 16.45 6.83
C ILE B 348 47.00 17.26 7.52
N THR B 349 48.16 17.33 6.88
CA THR B 349 49.29 18.10 7.36
C THR B 349 49.64 19.17 6.34
N TYR B 350 49.81 20.40 6.80
CA TYR B 350 50.11 21.54 5.95
C TYR B 350 51.47 22.12 6.31
N ASN B 351 51.92 23.05 5.49
CA ASN B 351 53.08 23.90 5.78
C ASN B 351 52.69 25.34 5.48
N ASP B 352 52.75 26.19 6.50
CA ASP B 352 52.30 27.57 6.37
C ASP B 352 53.26 28.38 5.50
N VAL B 361 41.90 25.97 8.42
CA VAL B 361 41.93 24.79 7.56
C VAL B 361 41.95 23.52 8.42
N PRO B 362 41.28 22.47 7.95
CA PRO B 362 41.11 21.27 8.77
C PRO B 362 42.36 20.39 8.77
N ALA B 363 42.82 20.03 9.97
CA ALA B 363 43.86 19.02 10.12
C ALA B 363 43.28 17.65 10.46
N ALA B 364 42.02 17.59 10.88
CA ALA B 364 41.33 16.34 11.18
C ALA B 364 39.88 16.47 10.76
N THR B 365 39.39 15.49 9.98
CA THR B 365 38.02 15.51 9.50
C THR B 365 37.44 14.10 9.60
N ARG B 366 36.29 13.98 10.27
CA ARG B 366 35.64 12.70 10.49
C ARG B 366 34.16 12.85 10.17
N ASN B 367 33.72 12.23 9.08
CA ASN B 367 32.31 12.15 8.72
C ASN B 367 31.85 10.72 8.92
N GLU B 368 30.89 10.51 9.82
CA GLU B 368 30.47 9.18 10.21
C GLU B 368 28.96 9.14 10.37
N ILE B 369 28.37 8.03 9.93
CA ILE B 369 26.94 7.77 10.13
C ILE B 369 26.82 6.93 11.41
N LEU B 370 26.44 7.58 12.51
CA LEU B 370 26.23 6.89 13.77
C LEU B 370 24.89 6.17 13.75
N THR B 371 24.74 5.20 14.66
CA THR B 371 23.52 4.41 14.72
C THR B 371 23.25 4.02 16.16
N ALA B 372 22.04 4.31 16.64
CA ALA B 372 21.58 3.89 17.96
C ALA B 372 20.48 2.85 17.74
N THR B 373 20.76 1.61 18.17
CA THR B 373 19.87 0.49 17.89
C THR B 373 19.08 0.12 19.14
N VAL B 374 17.77 0.01 18.99
CA VAL B 374 16.91 -0.41 20.10
C VAL B 374 17.18 -1.88 20.40
N PRO B 375 17.40 -2.25 21.67
CA PRO B 375 17.73 -3.65 21.97
C PRO B 375 16.55 -4.57 21.76
N THR B 376 16.86 -5.80 21.34
CA THR B 376 15.85 -6.83 21.13
C THR B 376 15.62 -7.56 22.45
N SER B 377 14.50 -7.28 23.10
CA SER B 377 14.19 -7.88 24.39
C SER B 377 12.67 -7.88 24.57
N ALA B 378 12.23 -8.38 25.72
CA ALA B 378 10.80 -8.39 26.02
C ALA B 378 10.22 -6.98 26.11
N ASP B 379 11.07 -5.97 26.37
CA ASP B 379 10.67 -4.57 26.39
C ASP B 379 11.53 -3.83 25.37
N PRO B 380 11.23 -3.95 24.08
CA PRO B 380 12.08 -3.35 23.04
C PRO B 380 11.83 -1.85 22.87
N PHE B 381 12.16 -1.08 23.91
CA PHE B 381 11.98 0.35 23.89
C PHE B 381 13.09 1.01 24.70
N PHE B 382 13.48 2.20 24.27
CA PHE B 382 14.35 3.04 25.07
C PHE B 382 13.53 3.72 26.17
N LYS B 383 14.10 3.78 27.37
CA LYS B 383 13.42 4.39 28.50
C LYS B 383 13.91 5.81 28.78
N THR B 384 15.22 5.99 28.88
CA THR B 384 15.82 7.29 29.14
C THR B 384 16.84 7.62 28.06
N ALA B 385 17.17 8.90 27.96
CA ALA B 385 18.16 9.37 27.00
C ALA B 385 19.00 10.48 27.63
N ASP B 386 20.24 10.58 27.16
CA ASP B 386 21.18 11.61 27.63
C ASP B 386 21.78 12.30 26.41
N ILE B 387 20.99 13.16 25.77
CA ILE B 387 21.41 13.91 24.60
C ILE B 387 21.59 15.37 25.00
N ASN B 388 22.73 15.94 24.66
CA ASN B 388 23.04 17.32 25.00
C ASN B 388 23.89 17.94 23.91
N TRP B 389 23.75 19.26 23.76
CA TRP B 389 24.53 20.02 22.79
C TRP B 389 24.99 21.30 23.47
N LYS B 390 26.30 21.54 23.47
CA LYS B 390 26.89 22.67 24.19
C LYS B 390 27.80 23.44 23.26
N TYR B 391 27.53 24.73 23.11
CA TYR B 391 28.40 25.67 22.39
C TYR B 391 29.12 26.52 23.42
N PHE B 392 30.46 26.50 23.39
CA PHE B 392 31.25 27.19 24.38
C PHE B 392 31.45 28.66 23.99
N SER B 393 31.77 29.47 25.00
CA SER B 393 31.73 30.92 24.83
C SER B 393 32.69 31.45 23.76
N PRO B 394 33.96 31.02 23.67
CA PRO B 394 34.82 31.56 22.59
C PRO B 394 34.36 31.15 21.21
N GLY B 395 33.64 30.05 21.07
CA GLY B 395 33.22 29.54 19.78
C GLY B 395 34.11 28.46 19.20
N LEU B 396 35.20 28.12 19.88
CA LEU B 396 36.10 27.10 19.36
C LEU B 396 35.59 25.69 19.63
N TYR B 397 34.85 25.49 20.71
CA TYR B 397 34.31 24.18 21.07
C TYR B 397 32.81 24.16 20.86
N SER B 398 32.32 23.06 20.28
CA SER B 398 30.89 22.84 20.10
C SER B 398 30.63 21.40 19.70
N GLY B 399 30.23 20.56 20.66
CA GLY B 399 30.10 19.14 20.43
C GLY B 399 28.75 18.61 20.88
N TRP B 400 28.53 17.33 20.59
CA TRP B 400 27.29 16.64 20.90
C TRP B 400 27.55 15.43 21.79
N ASN B 401 26.57 15.11 22.62
CA ASN B 401 26.55 13.89 23.41
C ASN B 401 25.26 13.15 23.11
N ILE B 402 25.37 11.87 22.76
CA ILE B 402 24.22 11.04 22.42
C ILE B 402 24.31 9.76 23.24
N LYS B 403 23.24 9.45 23.97
CA LYS B 403 23.21 8.24 24.80
C LYS B 403 21.76 7.86 25.07
N PHE B 404 21.42 6.61 24.78
CA PHE B 404 20.11 6.06 25.09
C PHE B 404 20.29 4.93 26.09
N ASP B 405 19.56 5.01 27.21
CA ASP B 405 19.65 4.06 28.31
C ASP B 405 21.11 4.05 28.79
N ASP B 406 21.82 2.93 28.74
CA ASP B 406 23.21 2.86 29.20
C ASP B 406 24.20 2.70 28.05
N THR B 407 23.74 2.82 26.82
CA THR B 407 24.59 2.64 25.64
C THR B 407 24.96 4.02 25.08
N VAL B 408 26.25 4.30 25.02
CA VAL B 408 26.75 5.58 24.55
C VAL B 408 26.90 5.52 23.03
N THR B 409 26.08 6.29 22.31
CA THR B 409 26.21 6.36 20.86
C THR B 409 27.32 7.31 20.45
N LEU B 410 27.44 8.45 21.15
CA LEU B 410 28.44 9.45 20.80
C LEU B 410 28.87 10.19 22.07
N LYS B 411 30.14 10.08 22.41
CA LYS B 411 30.77 10.96 23.39
C LYS B 411 31.54 12.04 22.64
N SER B 412 31.34 13.29 23.05
CA SER B 412 31.93 14.40 22.31
C SER B 412 33.45 14.32 22.30
N ARG B 413 34.04 14.53 21.13
CA ARG B 413 35.49 14.58 20.98
C ARG B 413 36.06 15.94 21.37
N VAL B 414 35.21 16.86 21.80
CA VAL B 414 35.69 18.14 22.33
C VAL B 414 36.54 17.87 23.57
N PRO B 415 37.70 18.53 23.73
CA PRO B 415 38.57 18.21 24.86
C PRO B 415 37.93 18.39 26.23
N SER B 416 36.84 19.14 26.33
CA SER B 416 36.14 19.35 27.59
C SER B 416 34.92 18.43 27.68
N ILE B 417 34.43 18.26 28.90
CA ILE B 417 33.27 17.41 29.16
C ILE B 417 32.01 18.21 28.95
N ILE B 418 30.98 17.56 28.42
CA ILE B 418 29.68 18.19 28.15
C ILE B 418 28.71 17.73 29.23
N PRO B 419 27.96 18.63 29.85
CA PRO B 419 27.09 18.24 30.97
C PRO B 419 26.02 17.24 30.56
N SER B 420 25.56 16.47 31.54
CA SER B 420 24.52 15.49 31.30
C SER B 420 23.16 16.18 31.20
N ASN B 421 22.37 15.75 30.22
CA ASN B 421 21.03 16.28 29.99
C ASN B 421 20.06 15.10 29.94
N ILE B 422 19.59 14.68 31.11
CA ILE B 422 18.73 13.50 31.20
C ILE B 422 17.37 13.84 30.61
N LEU B 423 16.96 13.08 29.59
CA LEU B 423 15.64 13.21 28.99
C LEU B 423 14.84 11.99 29.38
N LYS B 424 13.87 12.18 30.29
CA LYS B 424 13.05 11.07 30.73
C LYS B 424 11.77 11.60 31.37
N TYR B 425 10.72 10.78 31.30
CA TYR B 425 9.47 11.02 31.99
C TYR B 425 9.05 9.72 32.67
N ASP B 426 8.73 9.80 33.96
CA ASP B 426 8.29 8.62 34.68
C ASP B 426 7.01 8.07 34.04
N ASP B 427 6.93 6.75 33.94
CA ASP B 427 5.80 6.06 33.32
C ASP B 427 5.66 6.40 31.85
N TYR B 428 6.77 6.81 31.22
CA TYR B 428 6.82 7.09 29.79
C TYR B 428 8.05 6.40 29.21
N TYR B 429 7.96 6.06 27.92
CA TYR B 429 9.06 5.43 27.20
C TYR B 429 9.30 6.17 25.90
N ILE B 430 10.49 5.97 25.35
CA ILE B 430 10.89 6.60 24.09
C ILE B 430 10.26 5.81 22.95
N ARG B 431 9.34 6.43 22.22
CA ARG B 431 8.67 5.82 21.08
C ARG B 431 9.29 6.22 19.76
N ALA B 432 9.67 7.49 19.60
CA ALA B 432 10.19 8.00 18.35
C ALA B 432 11.32 8.97 18.61
N VAL B 433 12.29 8.99 17.70
CA VAL B 433 13.40 9.94 17.73
C VAL B 433 13.52 10.53 16.33
N SER B 434 13.32 11.84 16.23
CA SER B 434 13.35 12.53 14.95
C SER B 434 14.09 13.84 15.12
N ALA B 435 13.85 14.79 14.22
CA ALA B 435 14.49 16.10 14.27
C ALA B 435 13.69 17.07 13.41
N CYS B 436 14.12 18.32 13.40
CA CYS B 436 13.51 19.36 12.61
C CYS B 436 14.49 19.86 11.55
N PRO B 437 14.07 19.95 10.29
CA PRO B 437 14.99 20.43 9.25
C PRO B 437 15.37 21.89 9.49
N LYS B 438 16.67 22.16 9.40
CA LYS B 438 17.21 23.50 9.61
C LYS B 438 17.67 24.10 8.28
N GLY B 439 17.52 25.42 8.16
CA GLY B 439 17.96 26.14 6.98
C GLY B 439 17.01 26.08 5.80
N VAL B 440 15.90 25.35 5.90
CA VAL B 440 14.94 25.25 4.81
C VAL B 440 13.57 25.64 5.34
N SER B 441 12.68 26.00 4.41
CA SER B 441 11.31 26.32 4.74
C SER B 441 10.49 25.04 4.87
N LEU B 442 9.67 24.98 5.92
CA LEU B 442 8.85 23.82 6.22
C LEU B 442 7.50 23.86 5.51
N ALA B 443 7.35 24.68 4.48
CA ALA B 443 6.07 24.86 3.80
C ALA B 443 5.95 24.06 2.52
N TYR B 444 6.95 23.24 2.18
CA TYR B 444 6.97 22.53 0.91
C TYR B 444 6.53 21.08 1.08
N ASN B 445 5.95 20.55 0.01
CA ASN B 445 5.59 19.12 -0.09
C ASN B 445 4.66 18.68 1.04
N HIS B 446 3.72 19.56 1.41
CA HIS B 446 2.75 19.20 2.43
C HIS B 446 1.76 18.16 1.91
N ASP B 447 1.33 18.30 0.65
CA ASP B 447 0.39 17.36 0.05
C ASP B 447 1.01 15.99 -0.19
N PHE B 448 2.33 15.86 -0.06
CA PHE B 448 3.01 14.59 -0.34
C PHE B 448 3.67 13.98 0.89
N LEU B 449 3.46 14.57 2.07
CA LEU B 449 3.92 13.95 3.31
C LEU B 449 2.75 13.15 3.88
N THR B 450 2.53 11.98 3.28
CA THR B 450 1.40 11.13 3.61
C THR B 450 1.83 10.01 4.54
N LEU B 451 0.86 9.17 4.93
CA LEU B 451 1.13 8.04 5.80
C LEU B 451 1.79 6.88 5.05
N THR B 452 1.52 6.74 3.76
CA THR B 452 2.01 5.62 2.98
C THR B 452 2.55 6.13 1.64
N TYR B 453 3.03 5.19 0.82
CA TYR B 453 3.49 5.43 -0.54
C TYR B 453 4.69 6.38 -0.57
N ASN B 454 4.49 7.64 -0.22
CA ASN B 454 5.55 8.63 -0.24
C ASN B 454 6.51 8.43 0.92
N LYS B 455 7.80 8.65 0.66
CA LYS B 455 8.82 8.51 1.69
C LYS B 455 8.75 9.69 2.65
N LEU B 456 8.55 9.41 3.94
CA LEU B 456 8.45 10.45 4.94
C LEU B 456 9.82 11.05 5.22
N GLU B 457 10.17 12.12 4.52
CA GLU B 457 11.48 12.73 4.64
C GLU B 457 11.36 14.22 4.35
N TYR B 458 12.38 14.97 4.75
CA TYR B 458 12.45 16.40 4.49
C TYR B 458 13.92 16.78 4.41
N ASP B 459 14.43 16.96 3.19
CA ASP B 459 15.84 17.24 3.00
C ASP B 459 16.19 18.64 3.48
N ALA B 460 17.41 18.80 3.99
CA ALA B 460 17.90 20.06 4.51
C ALA B 460 19.42 20.00 4.54
N PRO B 461 20.09 21.16 4.54
CA PRO B 461 21.56 21.13 4.69
C PRO B 461 22.00 20.52 6.01
N THR B 462 21.30 20.81 7.10
CA THR B 462 21.60 20.23 8.39
C THR B 462 20.34 20.29 9.25
N THR B 463 20.42 19.67 10.43
CA THR B 463 19.40 19.80 11.45
C THR B 463 19.95 20.42 12.72
N GLN B 464 21.08 19.92 13.22
CA GLN B 464 21.71 20.43 14.45
C GLN B 464 20.74 20.37 15.62
N ASN B 465 19.84 19.40 15.61
CA ASN B 465 18.88 19.21 16.69
C ASN B 465 18.40 17.76 16.67
N ILE B 466 18.03 17.27 17.85
CA ILE B 466 17.48 15.94 18.00
C ILE B 466 16.27 16.04 18.91
N ILE B 467 15.13 15.52 18.43
CA ILE B 467 13.87 15.59 19.15
C ILE B 467 13.44 14.19 19.52
N VAL B 468 13.09 13.99 20.79
CA VAL B 468 12.73 12.68 21.32
C VAL B 468 11.26 12.70 21.72
N GLY B 469 10.51 11.70 21.26
CA GLY B 469 9.11 11.59 21.58
C GLY B 469 8.86 10.53 22.62
N PHE B 470 8.31 10.95 23.76
CA PHE B 470 8.00 10.06 24.86
C PHE B 470 6.52 9.68 24.83
N SER B 471 6.24 8.38 24.83
CA SER B 471 4.88 7.89 24.79
C SER B 471 4.52 7.23 26.13
N PRO B 472 3.28 7.40 26.60
CA PRO B 472 2.90 6.83 27.91
C PRO B 472 2.90 5.32 27.88
N ASP B 473 3.12 4.73 29.06
CA ASP B 473 3.27 3.29 29.18
C ASP B 473 1.99 2.53 28.83
N ASN B 474 0.83 3.19 28.84
CA ASN B 474 -0.40 2.51 28.46
C ASN B 474 -0.41 2.10 26.99
N THR B 475 0.44 2.72 26.17
CA THR B 475 0.57 2.36 24.77
C THR B 475 1.66 1.31 24.52
N LYS B 476 2.39 0.91 25.56
CA LYS B 476 3.49 -0.03 25.38
C LYS B 476 3.01 -1.41 24.98
N SER B 477 1.75 -1.76 25.29
CA SER B 477 1.22 -3.06 24.90
C SER B 477 1.05 -3.16 23.39
N PHE B 478 0.48 -2.12 22.78
CA PHE B 478 0.24 -2.15 21.34
C PHE B 478 1.55 -2.11 20.56
N TYR B 479 2.40 -1.13 20.85
CA TYR B 479 3.62 -0.96 20.07
C TYR B 479 4.60 -2.13 20.24
N ARG B 480 4.42 -2.97 21.27
CA ARG B 480 5.27 -4.14 21.40
C ARG B 480 4.74 -5.30 20.55
N SER B 481 3.43 -5.51 20.53
CA SER B 481 2.83 -6.64 19.85
C SER B 481 2.16 -6.29 18.54
N ASN B 482 2.09 -5.00 18.19
CA ASN B 482 1.45 -4.53 16.95
C ASN B 482 -0.02 -4.94 16.87
N SER B 483 -0.67 -5.07 18.02
CA SER B 483 -2.06 -5.50 18.06
C SER B 483 -2.69 -4.99 19.35
N HIS B 484 -4.02 -4.95 19.35
CA HIS B 484 -4.81 -4.51 20.50
C HIS B 484 -5.35 -5.75 21.22
N TYR B 485 -4.73 -6.09 22.34
CA TYR B 485 -5.20 -7.22 23.14
C TYR B 485 -6.31 -6.77 24.08
N LEU B 486 -7.42 -7.49 24.05
CA LEU B 486 -8.61 -7.13 24.80
C LEU B 486 -8.81 -8.07 25.98
N SER B 487 -9.21 -7.51 27.11
CA SER B 487 -9.48 -8.27 28.32
C SER B 487 -10.96 -8.16 28.68
N THR B 488 -11.55 -9.29 29.10
CA THR B 488 -12.97 -9.29 29.44
C THR B 488 -13.27 -8.61 30.76
N THR B 489 -12.25 -8.28 31.55
CA THR B 489 -12.42 -7.57 32.81
C THR B 489 -12.45 -6.06 32.62
N ASP B 490 -12.29 -5.56 31.40
CA ASP B 490 -12.29 -4.14 31.12
C ASP B 490 -13.66 -3.71 30.61
N ASP B 491 -14.18 -2.61 31.17
CA ASP B 491 -15.46 -2.08 30.73
C ASP B 491 -15.35 -1.31 29.42
N ALA B 492 -14.17 -0.78 29.09
CA ALA B 492 -14.00 -0.01 27.87
C ALA B 492 -12.54 -0.07 27.44
N TYR B 493 -12.34 -0.02 26.12
CA TYR B 493 -11.03 0.00 25.51
C TYR B 493 -11.02 1.07 24.43
N VAL B 494 -9.97 1.89 24.41
CA VAL B 494 -9.84 2.98 23.46
C VAL B 494 -8.82 2.59 22.41
N ILE B 495 -9.23 2.57 21.15
CA ILE B 495 -8.33 2.31 20.04
C ILE B 495 -8.03 3.64 19.34
N PRO B 496 -6.86 4.23 19.56
CA PRO B 496 -6.51 5.45 18.82
C PRO B 496 -6.40 5.16 17.32
N ALA B 497 -6.72 6.18 16.53
CA ALA B 497 -6.72 6.00 15.07
C ALA B 497 -5.32 5.72 14.55
N LEU B 498 -4.30 6.39 15.12
CA LEU B 498 -2.93 6.21 14.65
C LEU B 498 -2.35 4.86 15.02
N GLN B 499 -3.02 4.09 15.88
CA GLN B 499 -2.55 2.76 16.25
C GLN B 499 -3.24 1.70 15.38
N PHE B 500 -2.98 1.81 14.08
CA PHE B 500 -3.60 0.96 13.07
C PHE B 500 -2.62 -0.10 12.58
N SER B 501 -3.16 -1.05 11.81
CA SER B 501 -2.38 -2.09 11.14
C SER B 501 -2.03 -1.70 9.70
N THR B 502 -3.02 -1.24 8.94
CA THR B 502 -2.81 -0.76 7.59
C THR B 502 -3.74 0.40 7.32
N VAL B 503 -3.43 1.18 6.29
CA VAL B 503 -4.22 2.35 5.92
C VAL B 503 -4.11 2.56 4.43
N SER B 504 -5.15 3.16 3.85
CA SER B 504 -5.17 3.39 2.42
C SER B 504 -4.23 4.53 2.03
N ASP B 505 -3.86 4.55 0.75
CA ASP B 505 -3.01 5.62 0.25
C ASP B 505 -3.76 6.94 0.27
N ARG B 506 -2.98 8.03 0.10
CA ARG B 506 -3.52 9.39 0.13
C ARG B 506 -4.19 9.69 1.47
N SER B 507 -3.64 9.14 2.55
CA SER B 507 -4.10 9.41 3.90
C SER B 507 -3.04 10.19 4.66
N PHE B 508 -3.47 11.22 5.38
CA PHE B 508 -2.59 12.12 6.10
C PHE B 508 -2.70 11.89 7.60
N LEU B 509 -1.88 12.62 8.35
CA LEU B 509 -1.89 12.60 9.80
C LEU B 509 -2.26 13.99 10.29
N GLU B 510 -3.38 14.09 11.01
CA GLU B 510 -3.89 15.37 11.50
C GLU B 510 -3.65 15.47 13.00
N ASP B 511 -2.99 16.55 13.41
CA ASP B 511 -2.74 16.79 14.83
C ASP B 511 -4.03 17.23 15.49
N THR B 512 -4.62 16.34 16.28
CA THR B 512 -5.85 16.62 17.04
C THR B 512 -5.57 16.39 18.53
N PRO B 513 -4.84 17.32 19.17
CA PRO B 513 -4.49 17.10 20.58
C PRO B 513 -5.67 17.19 21.53
N ASP B 514 -6.77 17.84 21.13
CA ASP B 514 -7.96 17.88 21.97
C ASP B 514 -8.62 16.51 22.10
N GLN B 515 -8.19 15.52 21.32
CA GLN B 515 -8.70 14.16 21.40
C GLN B 515 -7.92 13.29 22.37
N ALA B 516 -6.98 13.88 23.12
CA ALA B 516 -6.12 13.15 24.05
C ALA B 516 -5.36 12.03 23.35
N THR B 517 -5.08 12.19 22.06
CA THR B 517 -4.36 11.22 21.26
C THR B 517 -3.28 11.93 20.45
N ASP B 518 -2.36 11.13 19.89
CA ASP B 518 -1.27 11.69 19.11
C ASP B 518 -1.70 12.17 17.73
N GLY B 519 -2.96 12.02 17.36
CA GLY B 519 -3.44 12.55 16.09
C GLY B 519 -4.58 11.72 15.54
N SER B 520 -5.07 12.16 14.39
CA SER B 520 -6.15 11.50 13.67
C SER B 520 -5.69 11.20 12.24
N ILE B 521 -6.54 10.50 11.50
CA ILE B 521 -6.26 10.12 10.12
C ILE B 521 -7.19 10.92 9.21
N LYS B 522 -6.62 11.54 8.19
CA LYS B 522 -7.36 12.35 7.22
C LYS B 522 -7.39 11.60 5.89
N PHE B 523 -8.55 11.06 5.54
CA PHE B 523 -8.72 10.29 4.32
C PHE B 523 -9.04 11.24 3.16
N THR B 524 -8.20 11.22 2.13
CA THR B 524 -8.34 12.14 1.00
C THR B 524 -8.33 11.44 -0.36
N ASP B 525 -8.39 10.11 -0.39
CA ASP B 525 -8.36 9.39 -1.65
C ASP B 525 -9.60 9.71 -2.47
N THR B 526 -9.41 9.99 -3.76
CA THR B 526 -10.48 10.48 -4.61
C THR B 526 -11.20 9.38 -5.37
N VAL B 527 -10.46 8.42 -5.93
CA VAL B 527 -11.06 7.40 -6.79
C VAL B 527 -11.31 6.12 -5.99
N LEU B 528 -10.24 5.52 -5.48
CA LEU B 528 -10.38 4.29 -4.71
C LEU B 528 -10.86 4.62 -3.29
N GLY B 529 -11.22 3.56 -2.56
CA GLY B 529 -11.80 3.74 -1.25
C GLY B 529 -10.79 4.19 -0.21
N ASN B 530 -11.34 4.64 0.92
CA ASN B 530 -10.56 5.06 2.08
C ASN B 530 -10.90 4.12 3.23
N GLU B 531 -9.90 3.38 3.72
CA GLU B 531 -10.13 2.45 4.82
C GLU B 531 -8.91 2.40 5.72
N ALA B 532 -9.07 1.71 6.85
CA ALA B 532 -8.00 1.53 7.82
C ALA B 532 -8.38 0.36 8.72
N LYS B 533 -7.47 -0.61 8.85
CA LYS B 533 -7.71 -1.80 9.67
C LYS B 533 -6.99 -1.68 11.00
N TYR B 534 -7.56 -2.34 12.02
CA TYR B 534 -7.01 -2.33 13.37
C TYR B 534 -6.98 -3.76 13.87
N SER B 535 -5.78 -4.30 14.10
CA SER B 535 -5.66 -5.66 14.59
C SER B 535 -6.10 -5.75 16.04
N ILE B 536 -6.86 -6.80 16.35
CA ILE B 536 -7.37 -7.03 17.70
C ILE B 536 -7.12 -8.48 18.09
N ARG B 537 -6.78 -8.70 19.35
CA ARG B 537 -6.58 -10.03 19.90
C ARG B 537 -7.37 -10.14 21.20
N LEU B 538 -7.78 -11.37 21.52
CA LEU B 538 -8.54 -11.65 22.73
C LEU B 538 -7.63 -12.41 23.70
N ASN B 539 -7.40 -11.81 24.86
CA ASN B 539 -6.60 -12.47 25.88
C ASN B 539 -7.26 -13.76 26.34
N THR B 540 -6.45 -14.71 26.78
CA THR B 540 -6.96 -16.00 27.24
C THR B 540 -7.93 -15.80 28.40
N GLY B 541 -9.03 -16.54 28.36
CA GLY B 541 -10.10 -16.36 29.33
C GLY B 541 -11.10 -15.28 28.99
N PHE B 542 -11.12 -14.81 27.74
CA PHE B 542 -12.05 -13.77 27.36
C PHE B 542 -13.45 -14.35 27.20
N ASN B 543 -14.45 -13.65 27.74
CA ASN B 543 -15.84 -14.07 27.61
C ASN B 543 -16.34 -13.60 26.24
N THR B 544 -16.30 -14.50 25.26
CA THR B 544 -16.73 -14.15 23.91
C THR B 544 -18.23 -14.00 23.77
N ALA B 545 -19.00 -14.27 24.83
CA ALA B 545 -20.44 -14.16 24.78
C ALA B 545 -20.96 -12.82 25.30
N THR B 546 -20.11 -12.03 25.96
CA THR B 546 -20.54 -10.74 26.47
C THR B 546 -20.82 -9.78 25.33
N ARG B 547 -21.87 -8.98 25.48
CA ARG B 547 -22.34 -8.09 24.42
C ARG B 547 -21.59 -6.76 24.50
N TYR B 548 -20.99 -6.36 23.38
CA TYR B 548 -20.20 -5.15 23.28
C TYR B 548 -20.83 -4.18 22.29
N ARG B 549 -20.35 -2.93 22.33
CA ARG B 549 -20.72 -1.92 21.36
C ARG B 549 -19.47 -1.14 20.96
N LEU B 550 -19.53 -0.54 19.77
CA LEU B 550 -18.42 0.22 19.20
C LEU B 550 -18.83 1.67 19.02
N ILE B 551 -18.03 2.58 19.57
CA ILE B 551 -18.24 4.02 19.43
C ILE B 551 -17.20 4.54 18.44
N ILE B 552 -17.66 5.16 17.37
CA ILE B 552 -16.78 5.67 16.31
C ILE B 552 -16.85 7.18 16.35
N ARG B 553 -15.71 7.82 16.64
CA ARG B 553 -15.61 9.27 16.64
C ARG B 553 -14.93 9.71 15.35
N PHE B 554 -15.67 10.46 14.53
CA PHE B 554 -15.17 10.91 13.24
C PHE B 554 -15.73 12.30 12.96
N LYS B 555 -15.06 13.01 12.05
CA LYS B 555 -15.48 14.34 11.62
C LYS B 555 -15.65 14.31 10.10
N ALA B 556 -16.89 14.18 9.65
CA ALA B 556 -17.22 14.19 8.23
C ALA B 556 -17.93 15.49 7.90
N PRO B 557 -17.24 16.47 7.30
CA PRO B 557 -17.87 17.79 7.08
C PRO B 557 -18.89 17.79 5.96
N ALA B 558 -18.73 16.95 4.96
CA ALA B 558 -19.63 16.91 3.81
C ALA B 558 -20.42 15.61 3.78
N ARG B 559 -21.49 15.61 3.00
CA ARG B 559 -22.34 14.44 2.89
C ARG B 559 -21.66 13.35 2.09
N LEU B 560 -21.70 12.12 2.60
CA LEU B 560 -21.18 10.95 1.91
C LEU B 560 -22.35 10.08 1.49
N ALA B 561 -22.48 9.83 0.18
CA ALA B 561 -23.59 9.04 -0.32
C ALA B 561 -23.56 7.63 0.25
N ALA B 562 -22.45 6.92 0.04
CA ALA B 562 -22.30 5.58 0.57
C ALA B 562 -22.02 5.56 2.06
N GLY B 563 -21.75 6.72 2.67
CA GLY B 563 -21.52 6.80 4.09
C GLY B 563 -20.22 6.14 4.53
N ILE B 564 -20.15 5.82 5.80
CA ILE B 564 -19.00 5.17 6.42
C ILE B 564 -19.45 3.82 6.97
N ARG B 565 -18.66 2.78 6.72
CA ARG B 565 -19.00 1.43 7.13
C ARG B 565 -18.01 0.93 8.18
N VAL B 566 -18.53 0.23 9.18
CA VAL B 566 -17.73 -0.38 10.23
C VAL B 566 -17.88 -1.89 10.11
N ARG B 567 -16.75 -2.60 9.99
CA ARG B 567 -16.76 -4.04 9.77
C ARG B 567 -15.80 -4.72 10.73
N SER B 568 -15.79 -6.04 10.67
CA SER B 568 -14.83 -6.87 11.39
C SER B 568 -14.47 -8.05 10.50
N GLN B 569 -13.16 -8.29 10.34
CA GLN B 569 -12.66 -9.32 9.43
C GLN B 569 -11.84 -10.31 10.24
N ASN B 570 -12.28 -11.56 10.25
CA ASN B 570 -11.59 -12.64 10.98
C ASN B 570 -11.50 -13.86 10.07
N SER B 571 -10.36 -14.00 9.38
CA SER B 571 -10.06 -15.19 8.57
C SER B 571 -11.12 -15.44 7.51
N GLY B 572 -11.67 -14.37 6.95
CA GLY B 572 -12.65 -14.46 5.89
C GLY B 572 -14.07 -14.15 6.32
N ASN B 573 -14.35 -14.13 7.63
CA ASN B 573 -15.70 -13.85 8.13
C ASN B 573 -15.83 -12.34 8.28
N ASN B 574 -16.33 -11.69 7.22
CA ASN B 574 -16.52 -10.25 7.21
C ASN B 574 -17.92 -9.92 7.70
N LYS B 575 -18.02 -9.36 8.90
CA LYS B 575 -19.29 -8.95 9.49
C LYS B 575 -19.38 -7.43 9.50
N LEU B 576 -20.50 -6.90 9.02
CA LEU B 576 -20.74 -5.46 9.04
C LEU B 576 -21.35 -5.09 10.38
N LEU B 577 -20.70 -4.18 11.10
CA LEU B 577 -21.19 -3.74 12.40
C LEU B 577 -22.05 -2.49 12.31
N GLY B 578 -21.92 -1.69 11.25
CA GLY B 578 -22.73 -0.50 11.11
C GLY B 578 -22.45 0.30 9.86
N GLY B 579 -23.50 0.85 9.25
CA GLY B 579 -23.36 1.72 8.11
C GLY B 579 -23.74 3.15 8.44
N ILE B 580 -22.76 3.94 8.85
CA ILE B 580 -22.99 5.28 9.40
C ILE B 580 -23.58 6.19 8.33
N PRO B 581 -24.78 6.75 8.54
CA PRO B 581 -25.30 7.76 7.61
C PRO B 581 -24.61 9.10 7.83
N VAL B 582 -24.04 9.64 6.75
CA VAL B 582 -23.31 10.90 6.81
C VAL B 582 -24.12 11.95 6.06
N GLU B 583 -24.55 12.99 6.77
CA GLU B 583 -25.28 14.10 6.16
C GLU B 583 -24.50 15.40 6.18
N GLY B 584 -23.41 15.48 6.95
CA GLY B 584 -22.61 16.68 6.99
C GLY B 584 -22.67 17.40 8.32
N ASN B 585 -21.55 17.47 9.02
CA ASN B 585 -21.46 18.18 10.29
C ASN B 585 -20.02 18.61 10.52
N SER B 586 -19.85 19.86 10.93
CA SER B 586 -18.51 20.44 11.11
C SER B 586 -17.83 19.97 12.38
N GLY B 587 -18.55 19.36 13.32
CA GLY B 587 -17.99 18.91 14.57
C GLY B 587 -17.83 17.40 14.62
N TRP B 588 -17.14 16.95 15.66
CA TRP B 588 -16.90 15.52 15.85
C TRP B 588 -18.22 14.80 16.18
N ILE B 589 -18.41 13.65 15.56
CA ILE B 589 -19.65 12.88 15.70
C ILE B 589 -19.31 11.51 16.26
N ASP B 590 -19.93 11.16 17.38
CA ASP B 590 -19.80 9.83 17.96
C ASP B 590 -20.94 8.96 17.46
N TYR B 591 -20.60 7.86 16.78
CA TYR B 591 -21.58 6.90 16.30
C TYR B 591 -21.47 5.62 17.12
N ILE B 592 -22.59 5.17 17.67
CA ILE B 592 -22.65 3.98 18.51
C ILE B 592 -23.32 2.89 17.69
N THR B 593 -22.57 1.86 17.33
CA THR B 593 -23.12 0.76 16.56
C THR B 593 -24.04 -0.09 17.42
N ASP B 594 -24.79 -0.97 16.78
CA ASP B 594 -25.67 -1.88 17.49
C ASP B 594 -24.85 -2.86 18.33
N SER B 595 -25.53 -3.49 19.28
CA SER B 595 -24.88 -4.45 20.15
C SER B 595 -24.41 -5.67 19.37
N PHE B 596 -23.33 -6.29 19.84
CA PHE B 596 -22.77 -7.46 19.19
C PHE B 596 -21.88 -8.19 20.17
N THR B 597 -21.56 -9.44 19.85
CA THR B 597 -20.63 -10.25 20.63
C THR B 597 -19.60 -10.86 19.70
N PHE B 598 -18.44 -11.22 20.28
CA PHE B 598 -17.37 -11.80 19.49
C PHE B 598 -17.71 -13.21 19.00
N ASP B 599 -18.69 -13.88 19.63
CA ASP B 599 -19.18 -15.13 19.08
C ASP B 599 -19.89 -14.90 17.74
N ASP B 600 -20.61 -13.79 17.63
CA ASP B 600 -21.21 -13.43 16.35
C ASP B 600 -20.15 -13.07 15.31
N LEU B 601 -19.00 -12.59 15.76
CA LEU B 601 -17.91 -12.20 14.87
C LEU B 601 -16.95 -13.34 14.58
N GLY B 602 -17.16 -14.52 15.18
CA GLY B 602 -16.27 -15.64 14.95
C GLY B 602 -14.87 -15.46 15.50
N ILE B 603 -14.68 -14.51 16.42
CA ILE B 603 -13.38 -14.21 17.00
C ILE B 603 -13.26 -14.96 18.32
N THR B 604 -12.19 -15.74 18.46
CA THR B 604 -11.92 -16.51 19.66
C THR B 604 -10.56 -16.09 20.25
N THR B 605 -10.08 -16.87 21.22
CA THR B 605 -8.76 -16.60 21.79
C THR B 605 -7.65 -16.86 20.78
N SER B 606 -7.75 -17.99 20.06
CA SER B 606 -6.75 -18.35 19.07
C SER B 606 -6.88 -17.57 17.77
N SER B 607 -7.81 -16.63 17.68
CA SER B 607 -7.97 -15.82 16.48
C SER B 607 -6.79 -14.88 16.34
N THR B 608 -5.94 -15.13 15.35
CA THR B 608 -4.76 -14.31 15.10
C THR B 608 -4.92 -13.41 13.88
N ASN B 609 -6.08 -13.40 13.25
CA ASN B 609 -6.34 -12.56 12.07
C ASN B 609 -7.57 -11.69 12.26
N ALA B 610 -7.90 -11.35 13.50
CA ALA B 610 -9.05 -10.50 13.77
C ALA B 610 -8.72 -9.04 13.47
N PHE B 611 -9.72 -8.31 13.00
CA PHE B 611 -9.54 -6.93 12.61
C PHE B 611 -10.83 -6.15 12.82
N PHE B 612 -10.68 -4.81 12.84
CA PHE B 612 -11.79 -3.89 12.78
C PHE B 612 -11.54 -2.91 11.64
N SER B 613 -12.50 -2.81 10.72
CA SER B 613 -12.33 -2.04 9.50
C SER B 613 -13.27 -0.85 9.48
N ILE B 614 -12.75 0.31 9.07
CA ILE B 614 -13.52 1.52 8.86
C ILE B 614 -13.25 1.98 7.44
N ASP B 615 -14.21 1.77 6.53
CA ASP B 615 -14.01 2.06 5.13
C ASP B 615 -15.06 3.04 4.62
N SER B 616 -14.75 3.65 3.48
CA SER B 616 -15.66 4.56 2.79
C SER B 616 -15.25 4.64 1.32
N ASP B 617 -16.05 5.36 0.55
CA ASP B 617 -15.79 5.50 -0.89
C ASP B 617 -14.78 6.62 -1.12
N GLY B 618 -14.50 6.92 -2.39
CA GLY B 618 -13.62 8.02 -2.71
C GLY B 618 -14.28 9.35 -2.41
N VAL B 619 -13.49 10.27 -1.85
CA VAL B 619 -13.98 11.57 -1.42
C VAL B 619 -13.25 12.66 -2.18
N ASN B 620 -13.95 13.76 -2.44
CA ASN B 620 -13.36 14.91 -3.10
C ASN B 620 -12.72 15.82 -2.04
N ALA B 621 -12.41 17.06 -2.41
CA ALA B 621 -11.78 17.97 -1.47
C ALA B 621 -12.71 18.35 -0.32
N SER B 622 -14.00 18.46 -0.59
CA SER B 622 -14.95 18.85 0.46
C SER B 622 -15.37 17.67 1.32
N GLN B 623 -15.33 16.45 0.78
CA GLN B 623 -15.77 15.26 1.48
C GLN B 623 -14.65 14.60 2.29
N GLN B 624 -13.52 15.28 2.48
CA GLN B 624 -12.43 14.71 3.25
C GLN B 624 -12.80 14.66 4.73
N TRP B 625 -12.85 13.46 5.29
CA TRP B 625 -13.25 13.25 6.67
C TRP B 625 -12.08 12.76 7.52
N TYR B 626 -12.25 12.85 8.83
CA TYR B 626 -11.22 12.49 9.80
C TYR B 626 -11.73 11.36 10.69
N LEU B 627 -10.78 10.58 11.22
CA LEU B 627 -11.09 9.49 12.14
C LEU B 627 -10.29 9.69 13.42
N SER B 628 -11.00 9.84 14.54
CA SER B 628 -10.37 10.16 15.82
C SER B 628 -9.94 8.90 16.57
N LYS B 629 -10.89 8.04 16.91
CA LYS B 629 -10.58 6.86 17.72
C LYS B 629 -11.76 5.89 17.64
N LEU B 630 -11.51 4.67 18.10
CA LEU B 630 -12.53 3.65 18.26
C LEU B 630 -12.61 3.26 19.74
N ILE B 631 -13.82 3.12 20.25
CA ILE B 631 -14.05 2.80 21.65
C ILE B 631 -14.93 1.57 21.74
N LEU B 632 -14.43 0.52 22.37
CA LEU B 632 -15.17 -0.73 22.56
C LEU B 632 -15.68 -0.78 23.99
N VAL B 633 -16.99 -0.66 24.16
CA VAL B 633 -17.61 -0.65 25.48
C VAL B 633 -18.52 -1.86 25.62
N LYS B 634 -18.80 -2.21 26.87
CA LYS B 634 -19.78 -3.24 27.16
C LYS B 634 -21.19 -2.66 27.10
N GLU B 635 -22.12 -3.42 26.54
CA GLU B 635 -23.50 -2.93 26.42
C GLU B 635 -24.14 -2.76 27.79
N SER B 636 -23.80 -3.61 28.76
CA SER B 636 -24.41 -3.52 30.08
C SER B 636 -23.98 -2.25 30.80
N SER B 637 -22.75 -1.80 30.58
CA SER B 637 -22.21 -0.65 31.31
C SER B 637 -22.34 0.67 30.56
N PHE B 638 -22.61 0.64 29.26
CA PHE B 638 -22.67 1.86 28.47
C PHE B 638 -24.10 2.40 28.41
N THR B 639 -24.22 3.72 28.50
CA THR B 639 -25.51 4.39 28.50
C THR B 639 -25.30 5.86 28.13
N THR B 640 -26.16 6.37 27.25
CA THR B 640 -26.12 7.77 26.84
C THR B 640 -26.99 8.57 27.80
N GLN B 641 -26.36 9.17 28.82
CA GLN B 641 -27.11 9.86 29.86
C GLN B 641 -27.66 11.21 29.40
N ILE B 642 -26.94 11.90 28.54
CA ILE B 642 -27.34 13.22 28.03
C ILE B 642 -27.61 13.08 26.54
N PRO B 643 -28.78 13.50 26.05
CA PRO B 643 -29.08 13.37 24.63
C PRO B 643 -28.49 14.49 23.81
N LEU B 644 -28.42 14.25 22.50
CA LEU B 644 -28.00 15.28 21.55
C LEU B 644 -29.13 16.23 21.20
N LYS B 645 -30.38 15.81 21.33
CA LYS B 645 -31.56 16.62 21.07
C LYS B 645 -32.47 16.61 22.30
N PRO B 646 -33.17 17.71 22.57
CA PRO B 646 -34.05 17.75 23.74
C PRO B 646 -35.19 16.75 23.63
N TYR B 647 -35.80 16.45 24.77
CA TYR B 647 -36.84 15.44 24.83
C TYR B 647 -38.21 16.00 24.43
N VAL B 648 -38.68 17.01 25.16
CA VAL B 648 -40.04 17.50 25.00
C VAL B 648 -40.11 18.62 23.96
N ILE B 649 -39.33 19.68 24.18
CA ILE B 649 -39.41 20.84 23.30
C ILE B 649 -38.90 20.48 21.91
N VAL B 650 -39.47 21.13 20.89
CA VAL B 650 -39.13 20.82 19.51
C VAL B 650 -37.68 21.19 19.22
N ARG B 651 -37.25 22.37 19.69
CA ARG B 651 -35.91 22.87 19.40
C ARG B 651 -35.39 23.62 20.62
N CYS B 652 -34.09 23.85 20.63
CA CYS B 652 -33.49 24.68 21.65
C CYS B 652 -33.99 26.12 21.51
N PRO B 653 -33.98 26.90 22.60
CA PRO B 653 -34.51 28.26 22.54
C PRO B 653 -33.71 29.13 21.58
N ASP B 654 -34.44 29.86 20.73
CA ASP B 654 -33.86 30.80 19.80
C ASP B 654 -34.36 32.21 20.10
N THR B 655 -33.55 33.20 19.77
CA THR B 655 -33.88 34.59 20.06
C THR B 655 -34.64 35.23 18.89
C1 GOL C . 25.22 -14.79 -11.04
O1 GOL C . 25.49 -13.54 -11.59
C2 GOL C . 23.71 -15.07 -11.22
O2 GOL C . 23.36 -15.11 -12.56
C3 GOL C . 23.47 -16.42 -10.50
O3 GOL C . 22.09 -16.64 -10.54
C1 GOL D . 19.25 -3.19 -32.84
O1 GOL D . 19.18 -4.46 -33.41
C2 GOL D . 20.61 -3.09 -32.13
O2 GOL D . 20.74 -1.92 -31.39
C3 GOL D . 20.70 -4.36 -31.25
O3 GOL D . 19.55 -4.40 -30.47
#